data_3SN2
#
_entry.id   3SN2
#
_cell.length_a   101.675
_cell.length_b   101.675
_cell.length_c   281.349
_cell.angle_alpha   90.00
_cell.angle_beta   90.00
_cell.angle_gamma   90.00
#
_symmetry.space_group_name_H-M   'P 41 21 2'
#
loop_
_entity.id
_entity.type
_entity.pdbx_description
1 polymer 'Cytoplasmic aconitate hydratase'
2 polymer 'transferrin receptor iron regulatory element B RNA'
3 water water
#
loop_
_entity_poly.entity_id
_entity_poly.type
_entity_poly.pdbx_seq_one_letter_code
_entity_poly.pdbx_strand_id
1 'polypeptide(L)'
;MGHHHHHHADDDDKDGVDKLSNPFAYLAEPLDPAQPGKKFFNLNKLDYSRYGRLPFSIRVLLEAAVRNCDKFLVKKEDIE
NILNWNVTQHMNIEVPFKPARVILQDFTGVPSVVDFAAMRDAVKKLGGDPEKINPICPVDLVIDHSIQVDFNRRADSLQK
NQDLEFERNRERFEFLKWGSKAFRNMRIIPPGSGIIHQVNLEYLARVVFDQDGYYYPDSLVGTDSHTTMIDGLGVLGWGV
GGIEAEAVMLGQPISMVLPQVIGYRLMGKPHPLVTSTDIVLTITKHLRQVGVVGKFVEFFGPGVAQLSIADRATIANMCP
EYGATATFFPVDEVSIKYLVQTGRDESKVKQIRKYLQAVGMFRDYSDPSQDPDFTQVVELDLKTVVPCCSGPKRPQDKVA
VSDMKKDFESCLGAKQGFKGFQVAPDHHNDHKTFIYNDSEFTLSHGSVVIAAITSSTNTSNPSVMLGAGLLAKKAVDAGL
NVKPYVKTSLSPGSGVVTYYLRESGVMPYLSQLGFDVVGYGSMTCIGNSGPLPEPVVEAITQGDLVAVGVLSGNRNFEGR
VHPNTRANYLASPPLVIAYAIAGTIRIDFEKEPLGTNAKGQQVFLRDIWPTREEIQAVERQYVIPGMFTEVYQKIETVNA
SWNALAAPSDKLYLWNPKSTYIKSPPFFENLTLDLQPPKSIVDAYVLLNLGDSVTTDHISPAGNIARNSPAARYLTNRGL
TPREFNSYGSRRGNDAIMARGTFANIRLLNRFLNKQAPQTIHLPSGETLDVFDAAERYQQEGHPLIVLAGKEYGSGSSRD
WAAKGPFLLGIKAVLAESYERIHRSNLVGMGVIPLEYLPGENADSLGLTGRERYTIIIPENLTPRMHVQVKLDTGKTFQA
VIRFDTDVELTYFHNGGILNYMIRKMAK
;
A
2 'polyribonucleotide' GAUUAUCGGAAGCAGUGCCUUCCAUAAUC B
#
loop_
_chem_comp.id
_chem_comp.type
_chem_comp.name
_chem_comp.formula
A RNA linking ADENOSINE-5'-MONOPHOSPHATE 'C10 H14 N5 O7 P'
C RNA linking CYTIDINE-5'-MONOPHOSPHATE 'C9 H14 N3 O8 P'
G RNA linking GUANOSINE-5'-MONOPHOSPHATE 'C10 H14 N5 O8 P'
U RNA linking URIDINE-5'-MONOPHOSPHATE 'C9 H13 N2 O9 P'
#
# COMPACT_ATOMS: atom_id res chain seq x y z
N SER A 21 22.36 27.91 9.38
CA SER A 21 22.07 26.65 8.69
C SER A 21 20.66 26.63 8.06
N ASN A 22 19.66 26.30 8.87
CA ASN A 22 18.27 26.26 8.45
C ASN A 22 17.43 27.27 9.25
N PRO A 23 16.63 28.10 8.56
CA PRO A 23 15.89 29.21 9.17
C PRO A 23 15.11 28.91 10.44
N PHE A 24 14.87 27.65 10.77
CA PHE A 24 14.09 27.31 11.97
C PHE A 24 14.95 26.71 13.06
N ALA A 25 16.27 26.91 12.92
CA ALA A 25 17.24 26.35 13.85
C ALA A 25 16.84 26.69 15.28
N TYR A 26 16.34 27.90 15.46
CA TYR A 26 15.97 28.40 16.77
C TYR A 26 14.96 27.50 17.48
N LEU A 27 14.44 26.50 16.77
CA LEU A 27 13.45 25.60 17.37
C LEU A 27 14.06 24.31 17.89
N ALA A 28 15.29 24.02 17.48
CA ALA A 28 15.95 22.77 17.87
C ALA A 28 16.46 22.86 19.30
N GLU A 29 16.23 21.81 20.07
CA GLU A 29 16.77 21.77 21.43
C GLU A 29 17.07 20.34 21.86
N PRO A 30 18.05 20.18 22.76
CA PRO A 30 18.33 18.83 23.25
C PRO A 30 17.08 18.20 23.84
N LEU A 31 16.85 16.94 23.52
CA LEU A 31 15.71 16.22 24.09
C LEU A 31 16.00 15.99 25.56
N ASP A 32 17.29 15.80 25.86
CA ASP A 32 17.78 15.68 27.22
C ASP A 32 19.08 16.50 27.36
N PRO A 33 19.12 17.45 28.31
CA PRO A 33 20.21 18.43 28.36
C PRO A 33 21.57 17.77 28.49
N ALA A 34 21.60 16.61 29.15
CA ALA A 34 22.80 15.82 29.28
C ALA A 34 23.41 15.50 27.91
N GLN A 35 22.57 15.10 26.95
CA GLN A 35 23.02 14.72 25.62
C GLN A 35 22.79 15.84 24.58
N PRO A 36 23.51 16.97 24.74
CA PRO A 36 23.29 18.13 23.89
C PRO A 36 23.42 17.82 22.41
N GLY A 37 24.07 16.69 22.10
CA GLY A 37 24.24 16.27 20.72
C GLY A 37 22.96 15.78 20.08
N LYS A 38 22.11 15.13 20.88
CA LYS A 38 20.88 14.55 20.36
C LYS A 38 19.71 15.53 20.51
N LYS A 39 19.38 16.20 19.40
CA LYS A 39 18.44 17.32 19.45
C LYS A 39 17.08 17.03 18.79
N PHE A 40 16.15 17.98 18.96
CA PHE A 40 14.83 17.88 18.33
C PHE A 40 14.18 19.25 18.16
N PHE A 41 13.54 19.46 17.01
CA PHE A 41 12.84 20.71 16.74
C PHE A 41 11.52 20.77 17.49
N ASN A 42 11.47 21.58 18.54
CA ASN A 42 10.27 21.70 19.33
C ASN A 42 9.25 22.63 18.66
N LEU A 43 8.23 22.00 18.06
CA LEU A 43 7.19 22.71 17.33
C LEU A 43 6.27 23.51 18.27
N ASN A 44 6.22 23.08 19.53
CA ASN A 44 5.45 23.80 20.55
C ASN A 44 5.83 25.28 20.57
N LYS A 45 7.11 25.56 20.31
CA LYS A 45 7.60 26.92 20.31
C LYS A 45 7.57 27.49 18.89
N LEU A 46 6.57 27.10 18.10
CA LEU A 46 6.43 27.65 16.76
C LEU A 46 5.17 28.49 16.63
N ASP A 47 4.09 28.04 17.28
CA ASP A 47 2.83 28.77 17.35
C ASP A 47 1.76 27.87 17.92
N TYR A 48 1.76 27.68 19.24
CA TYR A 48 0.90 26.68 19.85
C TYR A 48 -0.60 26.91 19.63
N SER A 49 -0.99 28.16 19.37
CA SER A 49 -2.40 28.45 19.13
C SER A 49 -2.91 27.75 17.87
N ARG A 50 -2.02 27.56 16.89
CA ARG A 50 -2.36 26.85 15.66
C ARG A 50 -1.84 25.42 15.70
N TYR A 51 -0.59 25.25 16.11
CA TYR A 51 0.00 23.92 16.17
C TYR A 51 -0.78 23.03 17.12
N GLY A 52 -1.14 23.56 18.29
CA GLY A 52 -1.83 22.78 19.29
C GLY A 52 -3.16 22.22 18.82
N ARG A 53 -3.64 22.70 17.68
CA ARG A 53 -4.93 22.30 17.14
C ARG A 53 -4.80 21.47 15.86
N LEU A 54 -3.61 21.42 15.27
CA LEU A 54 -3.40 20.64 14.06
C LEU A 54 -3.69 19.16 14.29
N PRO A 55 -4.10 18.46 13.23
CA PRO A 55 -4.12 16.99 13.27
C PRO A 55 -2.71 16.42 13.34
N PHE A 56 -2.54 15.31 14.05
CA PHE A 56 -1.21 14.77 14.29
C PHE A 56 -0.44 14.41 12.99
N SER A 57 -1.16 13.96 11.98
CA SER A 57 -0.57 13.73 10.66
C SER A 57 0.06 15.02 10.10
N ILE A 58 -0.73 16.08 10.15
CA ILE A 58 -0.25 17.38 9.71
C ILE A 58 0.93 17.73 10.60
N ARG A 59 0.86 17.34 11.87
CA ARG A 59 1.99 17.56 12.77
C ARG A 59 3.24 16.88 12.23
N VAL A 60 3.10 15.63 11.76
CA VAL A 60 4.23 14.93 11.15
C VAL A 60 4.75 15.67 9.90
N LEU A 61 3.83 16.00 8.99
CA LEU A 61 4.23 16.76 7.79
C LEU A 61 5.02 18.00 8.17
N LEU A 62 4.46 18.72 9.14
CA LEU A 62 5.07 19.94 9.68
C LEU A 62 6.47 19.63 10.18
N GLU A 63 6.56 18.81 11.22
CA GLU A 63 7.85 18.43 11.76
C GLU A 63 8.82 18.17 10.61
N ALA A 64 8.48 17.28 9.69
CA ALA A 64 9.42 16.96 8.61
C ALA A 64 9.81 18.21 7.78
N ALA A 65 8.83 19.00 7.39
CA ALA A 65 9.12 20.19 6.58
C ALA A 65 10.02 21.17 7.34
N VAL A 66 9.60 21.53 8.55
CA VAL A 66 10.39 22.35 9.44
C VAL A 66 11.82 21.81 9.52
N ARG A 67 11.97 20.61 10.08
CA ARG A 67 13.30 20.03 10.22
C ARG A 67 14.09 20.09 8.93
N ASN A 68 13.44 19.87 7.78
CA ASN A 68 14.20 19.86 6.53
C ASN A 68 14.27 21.19 5.77
N CYS A 69 13.76 22.26 6.39
CA CYS A 69 13.76 23.58 5.74
C CYS A 69 15.17 24.07 5.40
N ASP A 70 15.43 24.30 4.11
CA ASP A 70 16.77 24.69 3.67
C ASP A 70 16.78 25.83 2.65
N LYS A 71 15.69 26.60 2.61
CA LYS A 71 15.59 27.77 1.74
C LYS A 71 15.63 27.42 0.24
N PHE A 72 15.40 26.16 -0.09
CA PHE A 72 15.44 25.72 -1.49
C PHE A 72 14.47 24.57 -1.74
N LEU A 73 14.86 23.37 -1.37
CA LEU A 73 13.96 22.22 -1.49
C LEU A 73 12.74 22.40 -0.60
N VAL A 74 12.92 23.14 0.49
CA VAL A 74 11.84 23.39 1.44
C VAL A 74 11.97 24.80 1.99
N LYS A 75 11.10 25.70 1.54
CA LYS A 75 11.19 27.10 1.91
C LYS A 75 10.31 27.41 3.12
N LYS A 76 10.42 28.63 3.62
CA LYS A 76 9.77 29.04 4.88
C LYS A 76 8.24 29.07 4.74
N GLU A 77 7.78 29.62 3.62
CA GLU A 77 6.34 29.72 3.38
C GLU A 77 5.71 28.34 3.30
N ASP A 78 6.51 27.31 3.04
CA ASP A 78 6.00 25.94 3.06
C ASP A 78 5.64 25.57 4.49
N ILE A 79 6.61 25.73 5.38
CA ILE A 79 6.36 25.52 6.79
C ILE A 79 5.15 26.36 7.19
N GLU A 80 5.11 27.61 6.74
CA GLU A 80 3.99 28.49 7.11
C GLU A 80 2.65 27.94 6.60
N ASN A 81 2.66 27.38 5.39
CA ASN A 81 1.47 26.82 4.78
C ASN A 81 1.01 25.59 5.55
N ILE A 82 1.90 24.60 5.68
CA ILE A 82 1.56 23.44 6.47
C ILE A 82 1.02 23.88 7.84
N LEU A 83 1.77 24.74 8.52
CA LEU A 83 1.36 25.22 9.85
C LEU A 83 -0.02 25.86 9.80
N ASN A 84 -0.27 26.65 8.77
CA ASN A 84 -1.56 27.29 8.58
C ASN A 84 -2.52 26.34 7.87
N TRP A 85 -2.38 25.06 8.14
CA TRP A 85 -3.26 24.05 7.57
C TRP A 85 -4.74 24.47 7.64
N ASN A 86 -5.24 24.70 8.85
CA ASN A 86 -6.65 25.03 9.03
C ASN A 86 -7.20 25.99 7.97
N VAL A 87 -6.33 26.80 7.38
CA VAL A 87 -6.74 27.68 6.29
C VAL A 87 -6.29 27.17 4.92
N THR A 88 -5.03 26.77 4.82
CA THR A 88 -4.50 26.36 3.52
C THR A 88 -5.12 25.05 2.99
N GLN A 89 -5.78 24.32 3.86
CA GLN A 89 -6.43 23.08 3.45
C GLN A 89 -7.53 23.36 2.43
N HIS A 90 -8.09 24.56 2.50
CA HIS A 90 -9.21 24.94 1.66
C HIS A 90 -8.77 25.64 0.37
N MET A 91 -7.49 25.95 0.24
CA MET A 91 -7.02 26.71 -0.92
C MET A 91 -6.33 25.79 -1.93
N ASN A 92 -6.40 24.49 -1.68
CA ASN A 92 -5.89 23.50 -2.63
C ASN A 92 -4.46 23.86 -3.05
N ILE A 93 -3.56 23.92 -2.07
CA ILE A 93 -2.17 24.31 -2.32
C ILE A 93 -1.20 23.17 -2.05
N GLU A 94 -0.12 23.15 -2.85
CA GLU A 94 0.83 22.05 -2.83
C GLU A 94 2.00 22.30 -1.89
N VAL A 95 2.12 21.46 -0.88
CA VAL A 95 3.21 21.54 0.09
C VAL A 95 4.17 20.37 -0.13
N PRO A 96 5.36 20.44 0.48
CA PRO A 96 6.37 19.38 0.35
C PRO A 96 6.26 18.38 1.50
N PHE A 97 6.36 17.10 1.20
CA PHE A 97 6.42 16.09 2.24
C PHE A 97 7.72 15.31 2.08
N LYS A 98 8.55 15.38 3.11
CA LYS A 98 9.87 14.78 3.09
C LYS A 98 9.95 13.64 4.08
N PRO A 99 9.80 12.40 3.60
CA PRO A 99 9.71 11.21 4.45
C PRO A 99 11.03 10.79 5.11
N ALA A 100 10.94 10.11 6.24
CA ALA A 100 12.10 9.63 6.97
C ALA A 100 12.87 8.56 6.19
N ARG A 101 12.15 7.59 5.63
CA ARG A 101 12.77 6.45 4.95
C ARG A 101 12.04 6.05 3.68
N VAL A 102 12.49 4.98 3.04
CA VAL A 102 11.82 4.49 1.84
C VAL A 102 11.75 2.97 1.75
N ILE A 103 10.61 2.44 1.29
CA ILE A 103 10.51 0.99 1.07
C ILE A 103 10.44 0.57 -0.40
N LEU A 104 11.37 -0.28 -0.80
CA LEU A 104 11.37 -0.86 -2.12
C LEU A 104 11.14 -2.38 -2.05
N GLN A 105 10.04 -2.80 -2.65
CA GLN A 105 9.62 -4.20 -2.61
C GLN A 105 10.25 -4.96 -3.75
N ASP A 106 10.57 -6.22 -3.49
CA ASP A 106 11.19 -7.10 -4.46
C ASP A 106 12.27 -6.38 -5.30
N PHE A 107 12.09 -6.31 -6.61
CA PHE A 107 13.14 -5.77 -7.48
C PHE A 107 12.83 -4.39 -8.02
N THR A 108 11.95 -3.65 -7.36
CA THR A 108 11.56 -2.32 -7.83
C THR A 108 12.70 -1.31 -7.65
N GLY A 109 13.66 -1.65 -6.80
CA GLY A 109 14.74 -0.74 -6.48
C GLY A 109 15.92 -0.81 -7.44
N VAL A 110 15.94 -1.86 -8.25
CA VAL A 110 17.04 -2.08 -9.19
C VAL A 110 17.38 -0.80 -9.96
N PRO A 111 16.38 -0.17 -10.60
CA PRO A 111 16.64 1.06 -11.34
C PRO A 111 17.36 2.10 -10.47
N SER A 112 16.87 2.25 -9.25
CA SER A 112 17.42 3.19 -8.28
C SER A 112 18.87 2.88 -7.95
N VAL A 113 19.10 1.68 -7.41
CA VAL A 113 20.44 1.24 -7.06
C VAL A 113 21.38 1.42 -8.26
N VAL A 114 20.91 1.02 -9.44
CA VAL A 114 21.67 1.22 -10.67
C VAL A 114 22.03 2.70 -10.85
N ASP A 115 21.01 3.55 -10.81
CA ASP A 115 21.22 4.99 -10.92
C ASP A 115 22.30 5.46 -9.94
N PHE A 116 22.14 5.15 -8.66
CA PHE A 116 23.14 5.57 -7.66
C PHE A 116 24.54 5.03 -7.99
N ALA A 117 24.61 3.77 -8.38
CA ALA A 117 25.87 3.19 -8.84
C ALA A 117 26.49 4.07 -9.92
N ALA A 118 25.78 4.20 -11.03
CA ALA A 118 26.24 5.02 -12.15
C ALA A 118 26.67 6.40 -11.65
N MET A 119 25.94 6.94 -10.67
CA MET A 119 26.30 8.22 -10.07
C MET A 119 27.68 8.16 -9.43
N ARG A 120 27.86 7.19 -8.53
CA ARG A 120 29.18 7.00 -7.93
C ARG A 120 30.22 6.93 -9.05
N ASP A 121 29.96 6.10 -10.05
CA ASP A 121 30.86 6.00 -11.20
C ASP A 121 31.21 7.38 -11.76
N ALA A 122 30.19 8.16 -12.08
CA ALA A 122 30.41 9.50 -12.64
C ALA A 122 31.25 10.37 -11.72
N VAL A 123 30.86 10.41 -10.44
CA VAL A 123 31.59 11.19 -9.45
C VAL A 123 33.06 10.77 -9.37
N LYS A 124 33.30 9.47 -9.52
CA LYS A 124 34.67 8.96 -9.58
C LYS A 124 35.34 9.48 -10.85
N LYS A 125 34.62 9.40 -11.96
CA LYS A 125 35.12 9.90 -13.24
C LYS A 125 35.44 11.38 -13.19
N LEU A 126 34.80 12.11 -12.27
CA LEU A 126 35.05 13.54 -12.15
C LEU A 126 35.98 13.90 -10.99
N GLY A 127 36.44 12.89 -10.27
CA GLY A 127 37.39 13.09 -9.19
C GLY A 127 36.76 13.63 -7.93
N GLY A 128 36.27 12.73 -7.10
CA GLY A 128 35.62 13.10 -5.85
C GLY A 128 35.18 11.84 -5.13
N ASP A 129 35.28 11.83 -3.82
CA ASP A 129 34.96 10.64 -3.04
C ASP A 129 33.59 10.11 -3.45
N PRO A 130 33.56 8.95 -4.13
CA PRO A 130 32.29 8.34 -4.55
C PRO A 130 31.43 7.97 -3.34
N GLU A 131 32.07 7.60 -2.24
CA GLU A 131 31.37 7.19 -1.04
C GLU A 131 30.61 8.37 -0.40
N LYS A 132 30.56 9.49 -1.12
CA LYS A 132 29.68 10.60 -0.76
C LYS A 132 28.27 10.35 -1.31
N ILE A 133 28.21 9.79 -2.52
CA ILE A 133 26.93 9.45 -3.15
C ILE A 133 26.17 8.43 -2.32
N ASN A 134 25.06 8.85 -1.73
CA ASN A 134 24.24 7.99 -0.87
C ASN A 134 22.80 8.46 -0.78
N PRO A 135 21.84 7.53 -0.70
CA PRO A 135 20.45 7.90 -0.45
C PRO A 135 20.31 8.82 0.77
N ILE A 136 19.60 9.93 0.59
CA ILE A 136 19.42 10.95 1.62
C ILE A 136 18.78 10.37 2.88
N CYS A 137 17.96 9.34 2.69
CA CYS A 137 17.25 8.71 3.80
C CYS A 137 17.58 7.24 3.85
N PRO A 138 17.20 6.57 4.95
CA PRO A 138 17.29 5.11 5.00
C PRO A 138 16.37 4.45 3.97
N VAL A 139 16.90 3.39 3.37
CA VAL A 139 16.22 2.68 2.31
C VAL A 139 16.16 1.20 2.62
N ASP A 140 14.97 0.62 2.52
CA ASP A 140 14.81 -0.80 2.80
C ASP A 140 14.35 -1.57 1.56
N LEU A 141 15.17 -2.53 1.15
CA LEU A 141 14.85 -3.40 0.04
C LEU A 141 14.29 -4.70 0.59
N VAL A 142 12.98 -4.87 0.52
CA VAL A 142 12.34 -6.02 1.15
C VAL A 142 12.03 -7.10 0.12
N ILE A 143 12.10 -8.38 0.49
CA ILE A 143 11.72 -9.43 -0.46
C ILE A 143 10.86 -10.55 0.14
N ASP A 144 10.01 -11.13 -0.71
CA ASP A 144 9.14 -12.25 -0.34
C ASP A 144 9.95 -13.54 -0.18
N PHE A 166 13.46 -19.30 -10.54
CA PHE A 166 13.92 -18.48 -9.42
C PHE A 166 15.41 -18.16 -9.58
N GLU A 167 16.12 -18.97 -10.36
CA GLU A 167 17.52 -18.70 -10.65
C GLU A 167 17.62 -17.62 -11.71
N ARG A 168 16.46 -17.22 -12.20
CA ARG A 168 16.34 -16.14 -13.17
C ARG A 168 17.03 -14.87 -12.71
N ASN A 169 16.88 -14.56 -11.42
CA ASN A 169 17.18 -13.23 -10.90
C ASN A 169 18.28 -13.19 -9.82
N ARG A 170 18.94 -14.33 -9.62
CA ARG A 170 20.05 -14.37 -8.66
C ARG A 170 20.98 -13.21 -8.92
N GLU A 171 21.15 -12.88 -10.20
CA GLU A 171 21.97 -11.73 -10.60
C GLU A 171 21.47 -10.47 -9.89
N ARG A 172 20.20 -10.15 -10.12
CA ARG A 172 19.58 -8.99 -9.50
C ARG A 172 19.69 -9.03 -7.97
N PHE A 173 19.41 -10.19 -7.38
CA PHE A 173 19.56 -10.29 -5.94
C PHE A 173 20.98 -9.92 -5.51
N GLU A 174 21.96 -10.54 -6.16
CA GLU A 174 23.36 -10.24 -5.85
C GLU A 174 23.63 -8.75 -6.00
N PHE A 175 23.04 -8.15 -7.05
CA PHE A 175 23.14 -6.70 -7.24
C PHE A 175 22.60 -5.92 -6.04
N LEU A 176 21.33 -6.14 -5.72
CA LEU A 176 20.73 -5.44 -4.59
C LEU A 176 21.56 -5.66 -3.32
N LYS A 177 22.04 -6.89 -3.11
CA LYS A 177 22.90 -7.15 -1.96
C LYS A 177 24.14 -6.26 -2.01
N TRP A 178 24.77 -6.20 -3.19
CA TRP A 178 25.90 -5.29 -3.37
C TRP A 178 25.48 -3.90 -2.93
N GLY A 179 24.29 -3.49 -3.33
CA GLY A 179 23.76 -2.21 -2.88
C GLY A 179 23.73 -2.09 -1.37
N SER A 180 23.15 -3.10 -0.72
CA SER A 180 23.01 -3.08 0.73
C SER A 180 24.36 -2.99 1.41
N LYS A 181 25.36 -3.64 0.82
CA LYS A 181 26.71 -3.54 1.37
C LYS A 181 27.28 -2.15 1.12
N ALA A 182 27.12 -1.67 -0.10
CA ALA A 182 27.82 -0.47 -0.56
C ALA A 182 27.21 0.86 -0.09
N PHE A 183 25.92 0.88 0.22
CA PHE A 183 25.25 2.16 0.51
C PHE A 183 24.91 2.40 1.98
N ARG A 184 24.82 3.68 2.33
CA ARG A 184 24.63 4.11 3.71
C ARG A 184 23.16 4.10 4.12
N ASN A 185 22.85 3.31 5.15
CA ASN A 185 21.48 3.22 5.64
C ASN A 185 20.54 2.50 4.66
N MET A 186 21.11 1.61 3.85
CA MET A 186 20.31 0.82 2.93
C MET A 186 20.32 -0.63 3.39
N ARG A 187 19.21 -1.09 3.97
CA ARG A 187 19.13 -2.48 4.41
C ARG A 187 18.38 -3.34 3.40
N ILE A 188 18.72 -4.63 3.38
CA ILE A 188 18.02 -5.57 2.52
C ILE A 188 17.46 -6.72 3.36
N ILE A 189 16.20 -7.06 3.13
CA ILE A 189 15.61 -8.26 3.71
C ILE A 189 15.39 -9.29 2.60
N PRO A 190 16.14 -10.40 2.66
CA PRO A 190 16.22 -11.40 1.60
C PRO A 190 15.05 -12.38 1.64
N PRO A 191 14.87 -13.14 0.56
CA PRO A 191 13.86 -14.20 0.53
C PRO A 191 14.40 -15.42 1.26
N GLY A 192 13.52 -16.25 1.80
CA GLY A 192 13.93 -17.36 2.62
C GLY A 192 13.62 -17.05 4.06
N SER A 193 13.52 -15.76 4.35
CA SER A 193 12.96 -15.30 5.61
C SER A 193 11.57 -15.89 5.74
N GLY A 194 11.40 -16.82 6.68
CA GLY A 194 10.12 -17.48 6.86
C GLY A 194 9.02 -16.51 7.27
N ILE A 195 9.36 -15.23 7.33
CA ILE A 195 8.50 -14.22 7.91
C ILE A 195 7.65 -13.48 6.88
N ILE A 196 6.48 -13.04 7.32
CA ILE A 196 5.45 -12.54 6.42
C ILE A 196 5.62 -11.05 6.16
N HIS A 197 5.50 -10.66 4.89
CA HIS A 197 5.73 -9.28 4.46
C HIS A 197 5.30 -8.19 5.45
N GLN A 198 4.03 -8.22 5.86
CA GLN A 198 3.50 -7.20 6.76
C GLN A 198 4.26 -7.19 8.09
N VAL A 199 4.37 -8.37 8.67
CA VAL A 199 5.18 -8.57 9.85
C VAL A 199 6.55 -7.95 9.64
N ASN A 200 7.17 -8.23 8.50
CA ASN A 200 8.45 -7.64 8.16
C ASN A 200 8.41 -6.13 8.19
N LEU A 201 7.39 -5.54 7.57
CA LEU A 201 7.26 -4.09 7.53
C LEU A 201 7.16 -3.53 8.95
N GLU A 202 6.39 -4.19 9.80
CA GLU A 202 6.36 -3.76 11.20
C GLU A 202 7.74 -3.92 11.85
N TYR A 203 8.43 -5.03 11.56
CA TYR A 203 9.78 -5.22 12.06
C TYR A 203 10.68 -4.06 11.65
N LEU A 204 10.52 -3.58 10.42
CA LEU A 204 11.29 -2.46 9.93
C LEU A 204 10.72 -1.14 10.42
N ALA A 205 9.56 -1.17 11.05
CA ALA A 205 9.03 0.05 11.68
C ALA A 205 10.05 0.67 12.63
N ARG A 206 10.01 1.99 12.75
CA ARG A 206 10.86 2.72 13.68
C ARG A 206 10.01 3.51 14.68
N VAL A 207 8.98 4.17 14.16
CA VAL A 207 8.07 5.00 14.97
C VAL A 207 8.69 6.35 15.30
N VAL A 208 9.85 6.34 15.97
CA VAL A 208 10.64 7.55 16.14
C VAL A 208 12.09 7.32 15.73
N PHE A 209 12.52 8.07 14.74
CA PHE A 209 13.91 8.12 14.35
C PHE A 209 14.73 8.86 15.40
N ASP A 210 15.81 8.20 15.78
CA ASP A 210 16.87 8.73 16.63
C ASP A 210 18.13 8.62 15.78
N GLN A 211 18.54 9.71 15.13
CA GLN A 211 19.65 9.61 14.18
C GLN A 211 20.12 10.94 13.62
N ASP A 212 21.38 10.97 13.16
CA ASP A 212 22.04 12.19 12.70
C ASP A 212 21.95 13.26 13.78
N GLY A 213 21.90 12.80 15.03
CA GLY A 213 21.81 13.70 16.16
C GLY A 213 20.45 14.34 16.30
N TYR A 214 19.42 13.67 15.79
CA TYR A 214 18.06 14.18 15.93
C TYR A 214 17.06 13.15 16.38
N TYR A 215 15.94 13.65 16.88
CA TYR A 215 14.76 12.83 17.12
C TYR A 215 13.62 13.31 16.24
N TYR A 216 13.13 12.46 15.35
CA TYR A 216 11.96 12.83 14.54
C TYR A 216 10.96 11.69 14.42
N PRO A 217 9.74 11.98 13.94
CA PRO A 217 8.75 10.93 13.76
C PRO A 217 9.02 10.09 12.51
N ASP A 218 8.89 8.77 12.64
CA ASP A 218 9.04 7.87 11.51
C ASP A 218 7.92 8.13 10.49
N SER A 219 8.32 8.29 9.22
CA SER A 219 7.37 8.48 8.14
C SER A 219 8.01 7.87 6.89
N LEU A 220 7.21 7.38 5.96
CA LEU A 220 7.78 6.73 4.79
C LEU A 220 6.96 6.78 3.53
N VAL A 221 7.57 6.28 2.46
CA VAL A 221 6.86 6.03 1.21
C VAL A 221 7.38 4.73 0.63
N GLY A 222 6.53 4.07 -0.14
CA GLY A 222 6.91 2.76 -0.65
C GLY A 222 6.50 2.46 -2.07
N THR A 223 7.34 1.69 -2.76
CA THR A 223 6.89 0.99 -3.95
C THR A 223 6.38 -0.33 -3.44
N ASP A 224 5.36 -0.27 -2.60
CA ASP A 224 4.88 -1.44 -1.88
C ASP A 224 3.37 -1.45 -1.79
N SER A 225 2.81 -2.65 -1.67
CA SER A 225 1.37 -2.82 -1.56
C SER A 225 0.85 -2.45 -0.17
N HIS A 226 1.47 -2.99 0.86
CA HIS A 226 0.93 -2.90 2.22
C HIS A 226 1.45 -1.73 3.04
N THR A 227 2.25 -0.88 2.41
CA THR A 227 2.78 0.31 3.09
C THR A 227 1.78 0.85 4.13
N THR A 228 0.66 1.38 3.64
CA THR A 228 -0.26 2.14 4.48
C THR A 228 -0.62 1.41 5.79
N MET A 229 -0.47 0.09 5.81
CA MET A 229 -0.77 -0.67 7.02
C MET A 229 -0.03 -0.07 8.22
N ILE A 230 1.20 0.37 8.01
CA ILE A 230 2.00 0.88 9.12
C ILE A 230 1.36 2.12 9.74
N ASP A 231 0.51 2.81 9.00
CA ASP A 231 -0.17 3.98 9.57
C ASP A 231 -1.07 3.55 10.71
N GLY A 232 -1.19 2.24 10.91
CA GLY A 232 -1.98 1.74 12.03
C GLY A 232 -1.19 1.81 13.31
N LEU A 233 0.05 2.29 13.19
CA LEU A 233 0.99 2.25 14.30
C LEU A 233 1.71 3.58 14.48
N GLY A 234 1.09 4.67 14.02
CA GLY A 234 1.66 5.99 14.19
C GLY A 234 2.55 6.47 13.05
N VAL A 235 3.22 5.54 12.38
CA VAL A 235 4.05 5.90 11.23
C VAL A 235 3.18 6.35 10.05
N LEU A 236 3.47 7.52 9.50
CA LEU A 236 2.72 8.05 8.37
C LEU A 236 3.41 7.75 7.06
N GLY A 237 2.65 7.31 6.07
CA GLY A 237 3.23 7.00 4.77
C GLY A 237 2.26 6.32 3.83
N TRP A 238 2.73 6.10 2.59
CA TRP A 238 1.90 5.50 1.57
C TRP A 238 2.69 5.08 0.32
N GLY A 239 1.94 4.68 -0.70
CA GLY A 239 2.53 4.11 -1.90
C GLY A 239 2.82 5.16 -2.95
N VAL A 240 3.92 4.94 -3.68
CA VAL A 240 4.28 5.82 -4.79
C VAL A 240 4.92 5.00 -5.91
N GLY A 241 5.49 5.69 -6.89
CA GLY A 241 6.16 5.02 -7.98
C GLY A 241 7.67 5.08 -7.84
N GLY A 242 8.34 4.20 -8.57
CA GLY A 242 9.79 4.13 -8.57
C GLY A 242 10.42 5.50 -8.69
N ILE A 243 9.80 6.36 -9.49
CA ILE A 243 10.36 7.70 -9.73
C ILE A 243 10.23 8.60 -8.50
N GLU A 244 9.05 8.63 -7.89
CA GLU A 244 8.88 9.36 -6.64
C GLU A 244 9.82 8.79 -5.59
N ALA A 245 9.74 7.49 -5.35
CA ALA A 245 10.63 6.87 -4.37
C ALA A 245 12.06 7.30 -4.63
N GLU A 246 12.48 7.22 -5.89
CA GLU A 246 13.85 7.59 -6.24
C GLU A 246 14.12 9.06 -5.93
N ALA A 247 13.12 9.91 -6.17
CA ALA A 247 13.25 11.32 -5.79
C ALA A 247 13.46 11.47 -4.28
N VAL A 248 12.60 10.81 -3.52
CA VAL A 248 12.73 10.81 -2.06
C VAL A 248 14.11 10.28 -1.67
N MET A 249 14.66 9.40 -2.49
CA MET A 249 16.00 8.87 -2.24
C MET A 249 17.08 9.89 -2.63
N LEU A 250 16.76 10.75 -3.59
CA LEU A 250 17.66 11.86 -3.94
C LEU A 250 17.27 13.14 -3.20
N GLY A 251 16.46 12.99 -2.15
CA GLY A 251 16.19 14.11 -1.25
C GLY A 251 15.19 15.11 -1.78
N GLN A 252 14.63 14.81 -2.96
CA GLN A 252 13.55 15.60 -3.53
C GLN A 252 12.27 15.29 -2.77
N PRO A 253 11.61 16.31 -2.22
CA PRO A 253 10.42 16.05 -1.39
C PRO A 253 9.18 15.79 -2.23
N ILE A 254 8.30 14.91 -1.73
CA ILE A 254 7.07 14.61 -2.42
C ILE A 254 6.15 15.82 -2.40
N SER A 255 5.99 16.45 -3.56
CA SER A 255 5.10 17.59 -3.67
C SER A 255 3.67 17.11 -3.68
N MET A 256 2.84 17.70 -2.83
CA MET A 256 1.55 17.12 -2.52
C MET A 256 0.57 18.16 -1.99
N VAL A 257 -0.65 18.15 -2.51
CA VAL A 257 -1.66 19.11 -2.07
C VAL A 257 -2.00 18.88 -0.62
N LEU A 258 -1.92 19.92 0.19
CA LEU A 258 -2.15 19.78 1.62
C LEU A 258 -3.54 19.20 1.82
N PRO A 259 -3.61 17.97 2.35
CA PRO A 259 -4.89 17.25 2.45
C PRO A 259 -5.79 17.74 3.58
N GLN A 260 -7.10 17.67 3.37
CA GLN A 260 -8.05 17.80 4.47
C GLN A 260 -8.01 16.53 5.31
N VAL A 261 -8.40 16.66 6.57
CA VAL A 261 -8.39 15.54 7.49
C VAL A 261 -9.77 15.32 8.09
N ILE A 262 -10.30 14.12 7.88
CA ILE A 262 -11.57 13.72 8.43
C ILE A 262 -11.32 12.97 9.74
N GLY A 263 -11.92 13.48 10.80
CA GLY A 263 -11.78 12.86 12.11
C GLY A 263 -12.82 11.80 12.32
N TYR A 264 -12.35 10.56 12.53
CA TYR A 264 -13.24 9.47 12.85
C TYR A 264 -13.24 9.31 14.37
N ARG A 265 -14.32 9.79 15.01
CA ARG A 265 -14.47 9.64 16.44
C ARG A 265 -15.14 8.31 16.74
N LEU A 266 -14.62 7.63 17.75
CA LEU A 266 -15.05 6.28 18.08
C LEU A 266 -15.40 6.22 19.54
N MET A 267 -16.66 5.93 19.87
CA MET A 267 -17.03 5.85 21.28
C MET A 267 -18.05 4.77 21.60
N GLY A 268 -18.18 4.45 22.87
CA GLY A 268 -19.11 3.43 23.32
C GLY A 268 -18.46 2.07 23.34
N LYS A 269 -19.03 1.16 24.13
CA LYS A 269 -18.54 -0.20 24.19
C LYS A 269 -19.37 -1.07 23.24
N PRO A 270 -18.72 -2.01 22.55
CA PRO A 270 -19.45 -2.87 21.61
C PRO A 270 -20.19 -4.02 22.29
N HIS A 271 -21.27 -4.48 21.68
CA HIS A 271 -22.00 -5.65 22.14
C HIS A 271 -21.09 -6.88 21.98
N PRO A 272 -20.97 -7.70 23.04
CA PRO A 272 -19.98 -8.78 23.10
C PRO A 272 -19.83 -9.67 21.85
N LEU A 273 -20.90 -9.89 21.09
CA LEU A 273 -20.81 -10.80 19.93
C LEU A 273 -20.22 -10.12 18.70
N VAL A 274 -20.00 -8.81 18.79
CA VAL A 274 -19.37 -8.04 17.73
C VAL A 274 -17.87 -8.32 17.68
N THR A 275 -17.35 -8.48 16.47
CA THR A 275 -15.94 -8.83 16.30
C THR A 275 -15.17 -7.83 15.43
N SER A 276 -13.85 -7.93 15.54
CA SER A 276 -12.96 -7.01 14.85
C SER A 276 -13.38 -6.84 13.40
N THR A 277 -13.84 -7.93 12.79
CA THR A 277 -14.23 -7.87 11.39
C THR A 277 -15.49 -7.01 11.25
N ASP A 278 -16.45 -7.25 12.15
CA ASP A 278 -17.66 -6.43 12.20
C ASP A 278 -17.26 -4.97 12.28
N ILE A 279 -16.44 -4.65 13.29
CA ILE A 279 -16.04 -3.25 13.50
C ILE A 279 -15.33 -2.66 12.27
N VAL A 280 -14.25 -3.32 11.86
CA VAL A 280 -13.48 -2.88 10.70
C VAL A 280 -14.40 -2.64 9.50
N LEU A 281 -15.23 -3.62 9.19
CA LEU A 281 -16.16 -3.52 8.06
C LEU A 281 -17.12 -2.34 8.23
N THR A 282 -17.74 -2.23 9.41
CA THR A 282 -18.56 -1.07 9.73
C THR A 282 -17.83 0.21 9.34
N ILE A 283 -16.68 0.41 9.97
CA ILE A 283 -15.89 1.62 9.73
C ILE A 283 -15.61 1.81 8.24
N THR A 284 -15.19 0.75 7.57
CA THR A 284 -14.81 0.84 6.16
C THR A 284 -15.99 1.23 5.27
N LYS A 285 -17.13 0.58 5.48
CA LYS A 285 -18.31 0.91 4.70
C LYS A 285 -18.71 2.36 5.00
N HIS A 286 -18.79 2.68 6.30
CA HIS A 286 -19.10 4.05 6.71
C HIS A 286 -18.23 5.08 5.97
N LEU A 287 -16.92 4.89 6.06
CA LEU A 287 -15.97 5.77 5.40
C LEU A 287 -16.18 5.77 3.90
N ARG A 288 -16.54 4.60 3.35
CA ARG A 288 -16.83 4.53 1.93
C ARG A 288 -18.01 5.45 1.61
N GLN A 289 -19.00 5.47 2.50
CA GLN A 289 -20.14 6.38 2.36
C GLN A 289 -19.73 7.84 2.49
N VAL A 290 -18.91 8.14 3.50
CA VAL A 290 -18.58 9.54 3.80
C VAL A 290 -17.79 10.28 2.70
N GLY A 291 -17.09 9.54 1.84
CA GLY A 291 -16.45 10.14 0.68
C GLY A 291 -15.14 10.85 0.96
N VAL A 292 -14.27 10.23 1.75
CA VAL A 292 -12.98 10.79 2.15
C VAL A 292 -11.91 10.68 1.06
N VAL A 293 -12.37 10.37 -0.15
CA VAL A 293 -11.46 10.17 -1.27
C VAL A 293 -10.49 11.34 -1.42
N GLY A 294 -9.20 11.02 -1.43
CA GLY A 294 -8.17 12.02 -1.62
C GLY A 294 -7.92 12.86 -0.39
N LYS A 295 -8.43 12.46 0.78
CA LYS A 295 -8.05 13.17 2.00
C LYS A 295 -7.51 12.21 3.07
N PHE A 296 -7.10 12.77 4.21
CA PHE A 296 -6.57 11.96 5.31
C PHE A 296 -7.71 11.59 6.24
N VAL A 297 -7.65 10.39 6.81
CA VAL A 297 -8.63 10.03 7.82
C VAL A 297 -7.87 9.83 9.12
N GLU A 298 -8.16 10.64 10.13
CA GLU A 298 -7.44 10.50 11.40
C GLU A 298 -8.38 9.96 12.47
N PHE A 299 -7.89 9.02 13.27
CA PHE A 299 -8.79 8.41 14.26
C PHE A 299 -8.71 9.05 15.64
N PHE A 300 -9.85 9.15 16.33
CA PHE A 300 -9.84 9.63 17.72
C PHE A 300 -11.07 9.20 18.52
N GLY A 301 -11.05 9.53 19.81
CA GLY A 301 -12.14 9.15 20.70
C GLY A 301 -11.77 7.98 21.59
N PRO A 302 -12.38 7.91 22.78
CA PRO A 302 -12.09 6.87 23.76
C PRO A 302 -11.98 5.49 23.11
N GLY A 303 -13.03 5.16 22.34
CA GLY A 303 -13.10 3.92 21.61
C GLY A 303 -11.86 3.50 20.85
N VAL A 304 -11.02 4.44 20.41
CA VAL A 304 -9.80 4.04 19.71
C VAL A 304 -8.96 3.11 20.58
N ALA A 305 -9.00 3.34 21.89
CA ALA A 305 -8.28 2.49 22.82
C ALA A 305 -8.63 1.03 22.56
N GLN A 306 -9.88 0.80 22.15
CA GLN A 306 -10.38 -0.56 21.96
C GLN A 306 -9.89 -1.21 20.68
N LEU A 307 -9.18 -0.46 19.85
CA LEU A 307 -8.65 -1.04 18.63
C LEU A 307 -7.21 -1.45 18.83
N SER A 308 -6.95 -2.76 18.77
CA SER A 308 -5.59 -3.26 18.83
C SER A 308 -4.80 -2.75 17.63
N ILE A 309 -3.48 -2.86 17.71
CA ILE A 309 -2.65 -2.43 16.60
C ILE A 309 -3.04 -3.23 15.37
N ALA A 310 -3.34 -4.51 15.55
CA ALA A 310 -3.78 -5.34 14.43
C ALA A 310 -4.97 -4.69 13.75
N ASP A 311 -6.01 -4.44 14.55
CA ASP A 311 -7.22 -3.79 14.08
C ASP A 311 -6.90 -2.50 13.33
N ARG A 312 -6.13 -1.62 14.00
CA ARG A 312 -5.77 -0.33 13.43
C ARG A 312 -5.03 -0.48 12.11
N ALA A 313 -4.21 -1.52 12.03
CA ALA A 313 -3.38 -1.77 10.87
C ALA A 313 -4.26 -2.25 9.73
N THR A 314 -5.20 -3.13 10.04
CA THR A 314 -6.19 -3.57 9.07
C THR A 314 -6.95 -2.37 8.52
N ILE A 315 -7.61 -1.67 9.45
CA ILE A 315 -8.40 -0.51 9.10
C ILE A 315 -7.57 0.48 8.29
N ALA A 316 -6.29 0.58 8.62
CA ALA A 316 -5.40 1.54 7.97
C ALA A 316 -5.03 1.08 6.57
N ASN A 317 -4.78 -0.21 6.41
CA ASN A 317 -4.39 -0.75 5.13
C ASN A 317 -5.58 -0.88 4.17
N MET A 318 -6.80 -0.98 4.69
CA MET A 318 -7.94 -1.01 3.77
C MET A 318 -8.29 0.37 3.19
N CYS A 319 -7.53 1.39 3.59
CA CYS A 319 -7.82 2.78 3.20
C CYS A 319 -7.98 3.01 1.69
N PRO A 320 -7.21 2.28 0.86
CA PRO A 320 -7.35 2.60 -0.56
C PRO A 320 -8.72 2.16 -1.10
N GLU A 321 -9.45 1.40 -0.30
CA GLU A 321 -10.84 1.10 -0.61
C GLU A 321 -11.63 2.40 -0.64
N TYR A 322 -11.74 3.06 0.51
CA TYR A 322 -12.49 4.31 0.61
C TYR A 322 -11.67 5.52 0.13
N GLY A 323 -10.50 5.25 -0.44
CA GLY A 323 -9.82 6.24 -1.25
C GLY A 323 -8.95 7.21 -0.48
N ALA A 324 -9.13 7.26 0.84
CA ALA A 324 -8.31 8.10 1.69
C ALA A 324 -6.84 7.95 1.31
N THR A 325 -6.10 9.05 1.30
CA THR A 325 -4.68 8.99 0.97
C THR A 325 -3.94 8.27 2.09
N ALA A 326 -4.51 8.32 3.29
CA ALA A 326 -3.94 7.66 4.44
C ALA A 326 -4.87 7.73 5.64
N THR A 327 -4.75 6.73 6.51
CA THR A 327 -5.60 6.65 7.69
C THR A 327 -4.74 6.54 8.94
N PHE A 328 -4.61 7.67 9.63
CA PHE A 328 -3.68 7.82 10.75
C PHE A 328 -4.27 7.48 12.11
N PHE A 329 -3.48 6.69 12.82
CA PHE A 329 -3.77 6.24 14.18
C PHE A 329 -2.61 6.67 15.06
N PRO A 330 -2.70 7.89 15.64
CA PRO A 330 -1.63 8.47 16.44
C PRO A 330 -1.05 7.52 17.49
N VAL A 331 0.24 7.66 17.77
CA VAL A 331 0.93 6.79 18.72
C VAL A 331 0.41 7.01 20.15
N ASP A 332 0.02 5.94 20.82
CA ASP A 332 -0.49 6.05 22.19
C ASP A 332 0.00 4.93 23.10
N GLU A 333 -0.72 4.72 24.21
CA GLU A 333 -0.31 3.73 25.18
C GLU A 333 -0.36 2.32 24.59
N VAL A 334 -1.41 2.04 23.83
CA VAL A 334 -1.56 0.74 23.17
C VAL A 334 -0.39 0.50 22.22
N SER A 335 -0.07 1.53 21.44
CA SER A 335 1.04 1.47 20.50
C SER A 335 2.35 1.23 21.24
N ILE A 336 2.55 1.95 22.34
CA ILE A 336 3.77 1.79 23.12
C ILE A 336 3.87 0.38 23.72
N LYS A 337 2.85 -0.02 24.48
CA LYS A 337 2.81 -1.38 25.00
C LYS A 337 3.11 -2.37 23.89
N TYR A 338 2.36 -2.28 22.79
CA TYR A 338 2.57 -3.18 21.65
C TYR A 338 4.05 -3.20 21.26
N LEU A 339 4.59 -2.00 21.03
CA LEU A 339 6.01 -1.87 20.70
C LEU A 339 6.89 -2.60 21.70
N VAL A 340 6.57 -2.50 22.98
CA VAL A 340 7.31 -3.28 23.97
C VAL A 340 7.14 -4.77 23.68
N GLN A 341 5.90 -5.18 23.45
CA GLN A 341 5.57 -6.58 23.21
C GLN A 341 6.27 -7.18 22.00
N THR A 342 6.55 -6.38 20.98
CA THR A 342 7.30 -6.91 19.83
C THR A 342 8.71 -7.30 20.24
N GLY A 343 9.12 -6.88 21.43
CA GLY A 343 10.43 -7.22 21.97
C GLY A 343 11.47 -6.15 21.71
N ARG A 344 11.00 -4.94 21.41
CA ARG A 344 11.89 -3.81 21.19
C ARG A 344 12.63 -3.51 22.48
N ASP A 345 13.67 -2.69 22.39
CA ASP A 345 14.40 -2.28 23.57
C ASP A 345 13.54 -1.32 24.41
N GLU A 346 13.20 -1.76 25.61
CA GLU A 346 12.44 -0.96 26.55
C GLU A 346 12.93 0.47 26.54
N SER A 347 14.24 0.64 26.68
CA SER A 347 14.84 1.96 26.76
C SER A 347 14.43 2.79 25.54
N LYS A 348 14.69 2.27 24.34
CA LYS A 348 14.37 3.01 23.12
C LYS A 348 12.87 3.23 22.96
N VAL A 349 12.05 2.34 23.51
CA VAL A 349 10.61 2.57 23.54
C VAL A 349 10.29 3.80 24.41
N LYS A 350 10.71 3.74 25.67
CA LYS A 350 10.51 4.86 26.58
C LYS A 350 11.05 6.14 25.98
N GLN A 351 12.13 6.01 25.22
CA GLN A 351 12.71 7.13 24.50
C GLN A 351 11.69 7.65 23.51
N ILE A 352 11.24 6.76 22.63
CA ILE A 352 10.19 7.10 21.68
C ILE A 352 9.10 7.89 22.37
N ARG A 353 8.54 7.33 23.45
CA ARG A 353 7.47 8.06 24.14
C ARG A 353 7.96 9.44 24.58
N LYS A 354 9.17 9.46 25.13
CA LYS A 354 9.78 10.70 25.60
C LYS A 354 9.77 11.77 24.52
N TYR A 355 10.31 11.44 23.35
CA TYR A 355 10.31 12.40 22.25
C TYR A 355 8.91 12.73 21.78
N LEU A 356 8.03 11.74 21.75
CA LEU A 356 6.68 12.00 21.29
C LEU A 356 6.02 13.04 22.19
N GLN A 357 6.08 12.84 23.50
CA GLN A 357 5.53 13.85 24.41
C GLN A 357 6.29 15.16 24.31
N ALA A 358 7.61 15.09 24.23
CA ALA A 358 8.43 16.29 24.08
C ALA A 358 7.93 17.14 22.92
N VAL A 359 7.81 16.55 21.73
CA VAL A 359 7.46 17.33 20.53
C VAL A 359 5.95 17.50 20.39
N GLY A 360 5.18 16.79 21.20
CA GLY A 360 3.75 16.98 21.25
C GLY A 360 3.00 16.17 20.20
N MET A 361 3.33 14.88 20.12
CA MET A 361 2.69 13.99 19.16
C MET A 361 2.39 12.65 19.81
N PHE A 362 2.29 12.64 21.13
CA PHE A 362 1.83 11.46 21.85
C PHE A 362 0.36 11.67 22.19
N ARG A 363 -0.47 10.69 21.86
CA ARG A 363 -1.92 10.87 21.90
C ARG A 363 -2.56 10.37 23.19
N ASP A 364 -3.57 11.11 23.66
CA ASP A 364 -4.32 10.75 24.85
C ASP A 364 -5.82 10.75 24.53
N TYR A 365 -6.24 9.74 23.77
CA TYR A 365 -7.61 9.65 23.28
C TYR A 365 -8.65 9.87 24.37
N SER A 366 -8.30 9.51 25.61
CA SER A 366 -9.14 9.81 26.75
C SER A 366 -8.79 11.21 27.25
N ASP A 367 -8.92 12.18 26.36
CA ASP A 367 -8.70 13.58 26.70
C ASP A 367 -9.09 14.49 25.54
N PRO A 368 -10.41 14.71 25.35
CA PRO A 368 -10.97 15.51 24.25
C PRO A 368 -10.31 16.88 24.10
N SER A 369 -9.70 17.38 25.17
CA SER A 369 -9.09 18.70 25.20
C SER A 369 -7.68 18.72 24.61
N GLN A 370 -7.35 17.66 23.87
CA GLN A 370 -6.13 17.60 23.07
C GLN A 370 -6.53 17.45 21.61
N ASP A 371 -7.81 17.10 21.38
CA ASP A 371 -8.34 16.84 20.05
C ASP A 371 -8.07 17.97 19.07
N PRO A 372 -7.51 17.63 17.90
CA PRO A 372 -7.35 18.57 16.79
C PRO A 372 -8.68 19.07 16.22
N ASP A 373 -8.64 20.16 15.47
CA ASP A 373 -9.83 20.69 14.82
C ASP A 373 -9.93 20.13 13.41
N PHE A 374 -10.47 18.92 13.29
CA PHE A 374 -10.51 18.24 12.00
C PHE A 374 -11.37 19.01 11.01
N THR A 375 -11.19 18.72 9.72
CA THR A 375 -11.95 19.40 8.68
C THR A 375 -13.41 19.06 8.88
N GLN A 376 -13.65 17.80 9.25
CA GLN A 376 -14.98 17.27 9.43
C GLN A 376 -14.89 16.13 10.44
N VAL A 377 -15.98 15.85 11.14
CA VAL A 377 -15.96 14.80 12.15
C VAL A 377 -17.09 13.81 11.92
N VAL A 378 -16.74 12.55 11.69
CA VAL A 378 -17.76 11.51 11.63
C VAL A 378 -17.54 10.59 12.82
N GLU A 379 -18.62 10.09 13.40
CA GLU A 379 -18.56 9.39 14.67
C GLU A 379 -19.05 7.95 14.54
N LEU A 380 -18.74 7.13 15.53
CA LEU A 380 -19.23 5.75 15.58
C LEU A 380 -19.41 5.27 17.02
N ASP A 381 -20.64 4.91 17.35
CA ASP A 381 -20.96 4.36 18.67
C ASP A 381 -20.91 2.85 18.52
N LEU A 382 -20.02 2.21 19.29
CA LEU A 382 -19.76 0.78 19.10
C LEU A 382 -20.91 -0.12 19.53
N LYS A 383 -21.87 0.41 20.26
CA LYS A 383 -23.08 -0.35 20.57
C LYS A 383 -24.11 -0.15 19.46
N THR A 384 -23.61 0.16 18.26
CA THR A 384 -24.42 0.29 17.06
C THR A 384 -24.22 -0.95 16.19
N VAL A 385 -23.00 -1.47 16.22
CA VAL A 385 -22.65 -2.62 15.39
C VAL A 385 -23.37 -3.86 15.86
N VAL A 386 -24.09 -4.51 14.96
CA VAL A 386 -24.86 -5.70 15.32
C VAL A 386 -24.28 -6.98 14.70
N PRO A 387 -24.07 -8.01 15.52
CA PRO A 387 -23.59 -9.30 15.02
C PRO A 387 -24.57 -9.91 14.02
N CYS A 388 -24.17 -10.08 12.77
CA CYS A 388 -25.09 -10.59 11.75
C CYS A 388 -24.57 -11.85 11.05
N CYS A 389 -25.45 -12.83 10.92
CA CYS A 389 -25.19 -14.00 10.08
C CYS A 389 -25.79 -13.75 8.70
N SER A 390 -25.47 -14.63 7.77
CA SER A 390 -26.06 -14.53 6.43
C SER A 390 -26.68 -15.85 5.97
N GLY A 391 -27.81 -15.75 5.26
CA GLY A 391 -28.47 -16.93 4.72
C GLY A 391 -29.98 -16.79 4.63
N PRO A 392 -30.70 -17.92 4.55
CA PRO A 392 -30.19 -19.30 4.58
C PRO A 392 -29.89 -19.89 3.21
N LYS A 393 -30.01 -19.09 2.16
CA LYS A 393 -29.70 -19.52 0.81
C LYS A 393 -28.77 -18.54 0.10
N ARG A 394 -28.66 -17.33 0.63
CA ARG A 394 -27.87 -16.28 -0.02
C ARG A 394 -27.04 -15.44 0.94
N PRO A 395 -25.73 -15.35 0.67
CA PRO A 395 -24.79 -14.55 1.46
C PRO A 395 -25.31 -13.15 1.74
N GLN A 396 -25.99 -12.56 0.76
CA GLN A 396 -26.46 -11.19 0.88
C GLN A 396 -27.68 -11.07 1.79
N ASP A 397 -28.37 -12.18 2.05
CA ASP A 397 -29.54 -12.15 2.94
C ASP A 397 -29.10 -12.13 4.39
N LYS A 398 -28.94 -10.93 4.93
CA LYS A 398 -28.39 -10.73 6.28
C LYS A 398 -29.44 -10.99 7.36
N VAL A 399 -28.98 -11.38 8.55
CA VAL A 399 -29.89 -11.57 9.67
C VAL A 399 -29.20 -11.47 11.03
N ALA A 400 -29.81 -10.78 11.96
CA ALA A 400 -29.24 -10.59 13.29
C ALA A 400 -29.11 -11.92 14.03
N VAL A 401 -28.25 -11.94 15.04
CA VAL A 401 -27.99 -13.15 15.81
C VAL A 401 -29.16 -13.47 16.72
N SER A 402 -29.85 -12.43 17.19
CA SER A 402 -30.93 -12.59 18.16
C SER A 402 -32.31 -12.74 17.49
N ASP A 403 -32.31 -12.75 16.16
CA ASP A 403 -33.53 -12.99 15.41
C ASP A 403 -33.41 -14.28 14.63
N MET A 404 -32.52 -15.16 15.06
CA MET A 404 -32.28 -16.41 14.35
C MET A 404 -33.49 -17.33 14.44
N LYS A 405 -33.81 -17.79 15.64
CA LYS A 405 -34.96 -18.67 15.81
C LYS A 405 -36.13 -18.09 15.02
N LYS A 406 -36.50 -16.86 15.34
CA LYS A 406 -37.56 -16.14 14.64
C LYS A 406 -37.44 -16.28 13.12
N ASP A 407 -36.40 -15.67 12.55
CA ASP A 407 -36.24 -15.63 11.10
C ASP A 407 -36.29 -17.02 10.47
N PHE A 408 -35.67 -18.00 11.12
CA PHE A 408 -35.68 -19.37 10.61
C PHE A 408 -37.09 -19.93 10.62
N GLU A 409 -37.77 -19.81 11.75
CA GLU A 409 -39.15 -20.30 11.86
C GLU A 409 -40.05 -19.61 10.82
N SER A 410 -39.80 -18.31 10.59
CA SER A 410 -40.52 -17.59 9.54
C SER A 410 -40.17 -18.16 8.17
N CYS A 411 -38.90 -18.47 7.96
CA CYS A 411 -38.47 -19.08 6.69
C CYS A 411 -39.13 -20.45 6.49
N LEU A 412 -39.36 -21.16 7.58
CA LEU A 412 -40.15 -22.39 7.54
C LEU A 412 -41.58 -22.04 7.16
N GLY A 413 -42.11 -21.01 7.81
CA GLY A 413 -43.43 -20.50 7.49
C GLY A 413 -43.61 -20.29 6.00
N ALA A 414 -42.83 -19.39 5.42
CA ALA A 414 -43.03 -18.99 4.03
C ALA A 414 -42.75 -20.11 3.03
N LYS A 415 -42.99 -19.79 1.76
CA LYS A 415 -42.91 -20.80 0.71
C LYS A 415 -41.65 -20.64 -0.14
N GLN A 416 -41.24 -21.74 -0.78
CA GLN A 416 -40.04 -21.78 -1.64
C GLN A 416 -39.55 -20.39 -2.05
N GLY A 417 -38.32 -20.09 -1.64
CA GLY A 417 -37.71 -18.80 -1.92
C GLY A 417 -36.47 -18.58 -1.09
N PHE A 418 -35.69 -17.55 -1.44
CA PHE A 418 -34.44 -17.26 -0.75
C PHE A 418 -34.62 -17.20 0.76
N LYS A 419 -35.73 -16.61 1.21
CA LYS A 419 -36.04 -16.58 2.63
C LYS A 419 -37.27 -17.43 2.94
N GLY A 420 -37.35 -18.61 2.33
CA GLY A 420 -38.44 -19.52 2.59
C GLY A 420 -38.22 -20.94 2.10
N PHE A 421 -38.80 -21.89 2.83
CA PHE A 421 -38.90 -23.26 2.35
C PHE A 421 -40.22 -23.87 2.82
N GLN A 422 -41.31 -23.52 2.14
CA GLN A 422 -42.64 -24.06 2.41
C GLN A 422 -42.60 -25.46 3.01
N VAL A 423 -42.68 -25.53 4.33
CA VAL A 423 -42.91 -26.79 5.01
C VAL A 423 -44.28 -26.71 5.66
N ALA A 424 -45.15 -27.65 5.30
CA ALA A 424 -46.49 -27.71 5.88
C ALA A 424 -46.41 -27.20 7.31
N PRO A 425 -47.23 -26.20 7.65
CA PRO A 425 -47.22 -25.58 8.98
C PRO A 425 -47.51 -26.54 10.14
N ASP A 426 -47.63 -27.84 9.87
CA ASP A 426 -47.78 -28.83 10.93
C ASP A 426 -46.53 -29.70 11.06
N HIS A 427 -45.76 -29.77 9.98
CA HIS A 427 -44.45 -30.41 10.01
C HIS A 427 -43.40 -29.51 10.67
N HIS A 428 -43.77 -28.26 10.97
CA HIS A 428 -42.86 -27.28 11.54
C HIS A 428 -42.19 -27.73 12.83
N ASN A 429 -42.67 -28.82 13.42
CA ASN A 429 -42.07 -29.33 14.64
C ASN A 429 -41.65 -30.79 14.52
N ASP A 430 -41.52 -31.26 13.28
CA ASP A 430 -41.02 -32.62 13.04
C ASP A 430 -39.71 -32.85 13.78
N HIS A 431 -39.30 -34.11 13.86
CA HIS A 431 -38.01 -34.47 14.42
C HIS A 431 -37.79 -35.97 14.38
N LYS A 432 -36.83 -36.41 13.58
CA LYS A 432 -36.54 -37.83 13.46
C LYS A 432 -35.29 -38.17 14.26
N THR A 433 -35.27 -39.38 14.84
CA THR A 433 -34.14 -39.82 15.63
C THR A 433 -33.20 -40.66 14.76
N PHE A 434 -32.01 -40.95 15.28
CA PHE A 434 -31.06 -41.81 14.56
C PHE A 434 -29.92 -42.33 15.43
N ILE A 435 -29.10 -43.19 14.84
CA ILE A 435 -28.04 -43.88 15.57
C ILE A 435 -26.66 -43.63 14.96
N TYR A 436 -25.78 -42.99 15.73
CA TYR A 436 -24.42 -42.74 15.31
C TYR A 436 -23.45 -43.52 16.18
N ASN A 437 -22.65 -44.39 15.56
CA ASN A 437 -21.72 -45.24 16.28
C ASN A 437 -22.30 -45.74 17.60
N ASP A 438 -23.43 -46.45 17.50
CA ASP A 438 -24.04 -47.13 18.64
C ASP A 438 -24.52 -46.15 19.73
N SER A 439 -25.24 -45.11 19.31
CA SER A 439 -25.85 -44.15 20.23
C SER A 439 -26.96 -43.39 19.51
N GLU A 440 -27.98 -42.95 20.25
CA GLU A 440 -29.15 -42.35 19.63
C GLU A 440 -29.25 -40.83 19.81
N PHE A 441 -29.61 -40.15 18.74
CA PHE A 441 -29.78 -38.70 18.76
C PHE A 441 -31.10 -38.29 18.08
N THR A 442 -31.51 -37.03 18.31
CA THR A 442 -32.83 -36.54 17.95
C THR A 442 -32.82 -35.40 16.92
N LEU A 443 -32.49 -35.72 15.67
CA LEU A 443 -32.34 -34.70 14.64
C LEU A 443 -33.69 -34.04 14.31
N SER A 444 -33.79 -32.74 14.57
CA SER A 444 -35.02 -32.00 14.33
C SER A 444 -34.84 -30.84 13.37
N HIS A 445 -35.97 -30.34 12.85
CA HIS A 445 -35.97 -29.25 11.89
C HIS A 445 -34.94 -28.19 12.25
N GLY A 446 -34.16 -27.77 11.26
CA GLY A 446 -33.21 -26.70 11.45
C GLY A 446 -32.06 -27.07 12.37
N SER A 447 -31.84 -28.37 12.57
CA SER A 447 -30.63 -28.79 13.28
C SER A 447 -29.39 -28.57 12.42
N VAL A 448 -28.23 -28.58 13.06
CA VAL A 448 -26.96 -28.33 12.40
C VAL A 448 -26.28 -29.63 12.03
N VAL A 449 -25.98 -29.79 10.75
CA VAL A 449 -25.34 -31.01 10.26
C VAL A 449 -23.85 -30.77 10.08
N ILE A 450 -23.52 -29.67 9.42
CA ILE A 450 -22.14 -29.30 9.12
C ILE A 450 -21.74 -28.02 9.86
N ALA A 451 -20.53 -28.01 10.42
CA ALA A 451 -19.99 -26.79 11.04
C ALA A 451 -18.54 -26.54 10.59
N ALA A 452 -18.36 -25.58 9.70
CA ALA A 452 -17.05 -25.37 9.09
C ALA A 452 -16.50 -23.97 9.29
N ILE A 453 -15.35 -23.89 9.96
CA ILE A 453 -14.67 -22.61 10.12
C ILE A 453 -13.55 -22.50 9.10
N THR A 454 -13.57 -21.44 8.31
CA THR A 454 -12.51 -21.21 7.34
C THR A 454 -12.04 -19.76 7.32
N SER A 455 -10.85 -19.53 6.75
CA SER A 455 -10.29 -18.19 6.68
C SER A 455 -11.30 -17.15 6.17
N SER A 456 -11.00 -15.87 6.44
CA SER A 456 -11.71 -14.75 5.81
C SER A 456 -10.66 -13.80 5.26
N THR A 457 -10.78 -13.40 4.00
CA THR A 457 -9.74 -12.60 3.36
C THR A 457 -9.44 -11.30 4.13
N ASN A 458 -10.39 -10.82 4.92
CA ASN A 458 -10.17 -9.63 5.72
C ASN A 458 -9.06 -9.85 6.74
N THR A 459 -8.15 -8.89 6.83
CA THR A 459 -6.93 -9.06 7.60
C THR A 459 -7.15 -8.92 9.11
N SER A 460 -8.40 -8.94 9.54
CA SER A 460 -8.71 -8.99 10.96
C SER A 460 -9.09 -10.42 11.36
N ASN A 461 -8.72 -11.37 10.52
CA ASN A 461 -9.07 -12.77 10.73
C ASN A 461 -8.48 -13.33 12.02
N PRO A 462 -7.15 -13.20 12.17
CA PRO A 462 -6.40 -13.84 13.27
C PRO A 462 -7.03 -13.61 14.64
N SER A 463 -7.38 -12.36 14.93
CA SER A 463 -7.98 -12.04 16.21
C SER A 463 -9.27 -12.82 16.40
N VAL A 464 -10.13 -12.80 15.37
CA VAL A 464 -11.40 -13.50 15.44
C VAL A 464 -11.20 -15.02 15.62
N MET A 465 -10.29 -15.58 14.83
CA MET A 465 -9.91 -16.98 15.00
C MET A 465 -9.49 -17.27 16.45
N LEU A 466 -8.56 -16.46 16.95
CA LEU A 466 -8.13 -16.57 18.33
C LEU A 466 -9.38 -16.56 19.23
N GLY A 467 -10.33 -15.71 18.88
CA GLY A 467 -11.59 -15.62 19.59
C GLY A 467 -12.30 -16.97 19.62
N ALA A 468 -12.53 -17.52 18.44
CA ALA A 468 -13.10 -18.86 18.32
C ALA A 468 -12.35 -19.80 19.27
N GLY A 469 -11.03 -19.75 19.21
CA GLY A 469 -10.19 -20.57 20.07
C GLY A 469 -10.52 -20.43 21.56
N LEU A 470 -10.42 -19.21 22.06
CA LEU A 470 -10.68 -18.95 23.47
C LEU A 470 -12.10 -19.37 23.83
N LEU A 471 -13.04 -19.17 22.90
CA LEU A 471 -14.41 -19.65 23.09
C LEU A 471 -14.41 -21.16 23.30
N ALA A 472 -13.88 -21.89 22.32
CA ALA A 472 -13.74 -23.33 22.44
C ALA A 472 -13.19 -23.68 23.82
N LYS A 473 -12.02 -23.11 24.14
CA LYS A 473 -11.40 -23.38 25.43
C LYS A 473 -12.37 -23.17 26.60
N LYS A 474 -13.04 -22.02 26.60
CA LYS A 474 -14.03 -21.71 27.62
C LYS A 474 -15.09 -22.81 27.69
N ALA A 475 -15.49 -23.30 26.52
CA ALA A 475 -16.50 -24.36 26.44
C ALA A 475 -15.98 -25.69 27.00
N VAL A 476 -14.72 -26.01 26.71
CA VAL A 476 -14.12 -27.21 27.27
C VAL A 476 -14.03 -27.08 28.78
N ASP A 477 -13.64 -25.90 29.24
CA ASP A 477 -13.59 -25.62 30.68
C ASP A 477 -14.97 -25.80 31.29
N ALA A 478 -15.97 -25.27 30.60
CA ALA A 478 -17.36 -25.38 31.04
C ALA A 478 -17.86 -26.82 30.90
N GLY A 479 -17.10 -27.64 30.17
CA GLY A 479 -17.38 -29.06 30.10
C GLY A 479 -18.45 -29.37 29.06
N LEU A 480 -18.55 -28.52 28.05
CA LEU A 480 -19.49 -28.72 26.96
C LEU A 480 -18.86 -29.58 25.88
N ASN A 481 -19.68 -30.12 24.98
CA ASN A 481 -19.16 -30.89 23.85
C ASN A 481 -19.97 -30.64 22.59
N VAL A 482 -19.42 -31.06 21.45
CA VAL A 482 -20.16 -31.04 20.20
C VAL A 482 -20.51 -32.47 19.82
N LYS A 483 -21.80 -32.77 19.90
CA LYS A 483 -22.31 -34.10 19.55
C LYS A 483 -21.59 -34.71 18.34
N PRO A 484 -21.10 -35.95 18.50
CA PRO A 484 -20.21 -36.66 17.58
C PRO A 484 -20.56 -36.60 16.09
N TYR A 485 -21.85 -36.59 15.76
CA TYR A 485 -22.26 -36.72 14.37
C TYR A 485 -22.04 -35.48 13.51
N VAL A 486 -21.89 -34.32 14.16
CA VAL A 486 -21.78 -33.06 13.43
C VAL A 486 -20.47 -32.99 12.64
N LYS A 487 -20.59 -32.66 11.35
CA LYS A 487 -19.45 -32.59 10.44
C LYS A 487 -18.68 -31.28 10.67
N THR A 488 -17.74 -31.31 11.61
CA THR A 488 -17.03 -30.10 12.06
C THR A 488 -15.64 -29.98 11.46
N SER A 489 -15.26 -28.79 10.99
CA SER A 489 -13.93 -28.63 10.38
C SER A 489 -13.27 -27.26 10.60
N LEU A 490 -11.93 -27.26 10.64
CA LEU A 490 -11.16 -26.02 10.74
C LEU A 490 -10.14 -25.84 9.60
N SER A 491 -10.20 -24.67 8.98
CA SER A 491 -9.26 -24.30 7.90
C SER A 491 -8.93 -22.81 8.00
N PRO A 492 -7.95 -22.48 8.85
CA PRO A 492 -7.63 -21.09 9.20
C PRO A 492 -6.82 -20.42 8.11
N GLY A 493 -6.20 -21.22 7.26
CA GLY A 493 -5.40 -20.70 6.17
C GLY A 493 -3.96 -20.55 6.59
N SER A 494 -3.20 -19.86 5.75
CA SER A 494 -1.78 -19.67 6.02
C SER A 494 -1.52 -18.19 6.29
N GLY A 495 -0.49 -17.91 7.07
CA GLY A 495 -0.14 -16.56 7.42
C GLY A 495 -0.10 -16.33 8.92
N VAL A 496 -0.33 -15.09 9.32
CA VAL A 496 -0.21 -14.71 10.72
C VAL A 496 -1.07 -15.53 11.67
N VAL A 497 -2.24 -15.97 11.21
CA VAL A 497 -3.16 -16.71 12.08
C VAL A 497 -2.45 -17.91 12.72
N THR A 498 -1.45 -18.45 12.01
CA THR A 498 -0.63 -19.54 12.53
C THR A 498 -0.11 -19.22 13.93
N TYR A 499 0.44 -18.02 14.11
CA TYR A 499 0.95 -17.58 15.42
C TYR A 499 -0.17 -17.41 16.43
N TYR A 500 -1.25 -16.78 16.00
CA TYR A 500 -2.42 -16.55 16.85
C TYR A 500 -3.01 -17.86 17.36
N LEU A 501 -2.85 -18.92 16.58
CA LEU A 501 -3.37 -20.23 16.97
C LEU A 501 -2.35 -21.05 17.75
N ARG A 502 -1.11 -21.06 17.28
CA ARG A 502 -0.06 -21.81 17.97
C ARG A 502 0.25 -21.24 19.34
N GLU A 503 0.47 -19.92 19.39
CA GLU A 503 1.02 -19.30 20.59
C GLU A 503 0.00 -19.08 21.72
N SER A 504 -1.28 -19.26 21.42
CA SER A 504 -2.30 -19.18 22.46
C SER A 504 -2.63 -20.55 23.01
N GLY A 505 -2.06 -21.59 22.40
CA GLY A 505 -2.26 -22.96 22.85
C GLY A 505 -3.71 -23.40 22.77
N VAL A 506 -4.40 -22.92 21.74
CA VAL A 506 -5.84 -23.12 21.62
C VAL A 506 -6.18 -24.35 20.76
N MET A 507 -5.24 -24.73 19.89
CA MET A 507 -5.45 -25.83 18.97
C MET A 507 -6.04 -27.07 19.64
N PRO A 508 -5.50 -27.47 20.80
CA PRO A 508 -6.10 -28.60 21.51
C PRO A 508 -7.59 -28.40 21.76
N TYR A 509 -7.93 -27.28 22.39
CA TYR A 509 -9.33 -26.98 22.70
C TYR A 509 -10.17 -26.95 21.44
N LEU A 510 -9.61 -26.39 20.36
CA LEU A 510 -10.35 -26.39 19.09
C LEU A 510 -10.59 -27.83 18.61
N SER A 511 -9.54 -28.63 18.62
CA SER A 511 -9.61 -30.00 18.13
C SER A 511 -10.51 -30.89 18.99
N GLN A 512 -10.61 -30.56 20.27
CA GLN A 512 -11.45 -31.34 21.18
C GLN A 512 -12.94 -31.25 20.81
N LEU A 513 -13.35 -30.12 20.29
CA LEU A 513 -14.73 -29.99 19.80
C LEU A 513 -14.79 -30.47 18.35
N GLY A 514 -13.77 -31.22 17.94
CA GLY A 514 -13.75 -31.80 16.60
C GLY A 514 -13.26 -30.82 15.54
N PHE A 515 -12.91 -29.61 15.97
CA PHE A 515 -12.39 -28.61 15.05
C PHE A 515 -10.90 -28.78 14.84
N ASP A 516 -10.53 -29.84 14.13
CA ASP A 516 -9.16 -30.04 13.72
C ASP A 516 -8.90 -29.28 12.41
N VAL A 517 -7.66 -29.31 11.97
CA VAL A 517 -7.25 -28.60 10.77
C VAL A 517 -7.39 -29.49 9.54
N VAL A 518 -7.79 -28.90 8.42
CA VAL A 518 -7.84 -29.67 7.18
C VAL A 518 -7.27 -28.89 6.00
N PRO A 531 -19.48 -35.14 2.63
CA PRO A 531 -19.51 -36.58 2.91
C PRO A 531 -19.95 -36.87 4.33
N LEU A 532 -21.21 -36.59 4.63
CA LEU A 532 -21.72 -36.70 5.99
C LEU A 532 -22.45 -38.02 6.28
N PRO A 533 -22.54 -38.39 7.57
CA PRO A 533 -23.04 -39.67 8.07
C PRO A 533 -24.42 -40.14 7.55
N GLU A 534 -24.49 -41.46 7.35
CA GLU A 534 -25.68 -42.11 6.81
C GLU A 534 -26.90 -41.90 7.68
N PRO A 535 -26.82 -42.26 8.96
CA PRO A 535 -27.96 -42.02 9.85
C PRO A 535 -28.51 -40.62 9.68
N VAL A 536 -27.61 -39.65 9.51
CA VAL A 536 -28.00 -38.26 9.32
C VAL A 536 -28.69 -38.11 7.96
N VAL A 537 -28.06 -38.60 6.90
CA VAL A 537 -28.71 -38.57 5.58
C VAL A 537 -30.15 -39.09 5.69
N GLU A 538 -30.28 -40.33 6.13
CA GLU A 538 -31.59 -40.94 6.37
C GLU A 538 -32.47 -40.02 7.20
N ALA A 539 -32.23 -39.95 8.50
CA ALA A 539 -33.05 -39.14 9.39
C ALA A 539 -33.49 -37.85 8.69
N ILE A 540 -32.57 -37.23 7.96
CA ILE A 540 -32.88 -36.02 7.20
C ILE A 540 -33.96 -36.27 6.15
N THR A 541 -33.65 -37.11 5.17
CA THR A 541 -34.58 -37.34 4.06
C THR A 541 -35.90 -37.95 4.54
N GLN A 542 -35.80 -39.03 5.32
CA GLN A 542 -36.98 -39.69 5.87
C GLN A 542 -37.77 -38.74 6.75
N GLY A 543 -37.14 -38.24 7.80
CA GLY A 543 -37.79 -37.28 8.69
C GLY A 543 -38.29 -36.06 7.93
N ASP A 544 -37.83 -35.90 6.71
CA ASP A 544 -38.18 -34.72 5.91
C ASP A 544 -37.77 -33.47 6.67
N LEU A 545 -36.49 -33.41 7.03
CA LEU A 545 -36.00 -32.30 7.82
C LEU A 545 -35.24 -31.30 6.97
N VAL A 546 -35.39 -30.02 7.30
CA VAL A 546 -34.58 -28.98 6.70
C VAL A 546 -33.28 -28.89 7.51
N ALA A 547 -32.18 -29.22 6.87
CA ALA A 547 -30.89 -29.31 7.54
C ALA A 547 -30.11 -28.00 7.42
N VAL A 548 -29.36 -27.70 8.48
CA VAL A 548 -28.63 -26.45 8.56
C VAL A 548 -27.13 -26.68 8.52
N GLY A 549 -26.47 -25.95 7.62
CA GLY A 549 -25.02 -25.94 7.55
C GLY A 549 -24.49 -24.60 8.04
N VAL A 550 -23.65 -24.66 9.08
CA VAL A 550 -23.06 -23.45 9.67
C VAL A 550 -21.63 -23.26 9.21
N LEU A 551 -21.38 -22.12 8.55
CA LEU A 551 -20.08 -21.84 7.95
C LEU A 551 -19.48 -20.53 8.43
N SER A 552 -18.16 -20.43 8.32
CA SER A 552 -17.47 -19.17 8.56
C SER A 552 -16.46 -18.94 7.46
N GLY A 553 -16.61 -17.85 6.70
CA GLY A 553 -15.65 -17.49 5.67
C GLY A 553 -16.32 -16.90 4.45
N ASN A 554 -15.79 -15.78 3.96
CA ASN A 554 -16.43 -15.06 2.88
C ASN A 554 -16.07 -15.57 1.49
N ARG A 555 -15.28 -16.63 1.41
CA ARG A 555 -14.86 -17.15 0.11
C ARG A 555 -15.80 -18.24 -0.38
N ASN A 556 -16.20 -18.14 -1.65
CA ASN A 556 -16.96 -19.19 -2.32
C ASN A 556 -17.99 -19.86 -1.42
N PHE A 557 -19.07 -19.15 -1.13
CA PHE A 557 -20.16 -19.71 -0.32
C PHE A 557 -20.98 -20.71 -1.12
N GLU A 558 -21.37 -20.32 -2.33
CA GLU A 558 -22.23 -21.15 -3.16
C GLU A 558 -21.59 -22.48 -3.51
N GLY A 559 -20.26 -22.50 -3.56
CA GLY A 559 -19.52 -23.67 -3.97
C GLY A 559 -19.23 -24.67 -2.86
N ARG A 560 -19.87 -24.48 -1.71
CA ARG A 560 -19.71 -25.41 -0.59
C ARG A 560 -20.99 -25.51 0.22
N VAL A 561 -22.12 -25.40 -0.47
CA VAL A 561 -23.42 -25.73 0.11
C VAL A 561 -23.66 -27.22 -0.10
N HIS A 562 -23.82 -27.94 1.01
CA HIS A 562 -24.07 -29.38 0.94
C HIS A 562 -25.47 -29.62 0.41
N PRO A 563 -25.68 -30.75 -0.30
CA PRO A 563 -27.01 -31.05 -0.84
C PRO A 563 -28.05 -31.39 0.24
N ASN A 564 -27.67 -32.21 1.21
CA ASN A 564 -28.59 -32.63 2.27
C ASN A 564 -29.05 -31.47 3.14
N THR A 565 -28.28 -30.39 3.16
CA THR A 565 -28.66 -29.20 3.91
C THR A 565 -29.43 -28.26 3.00
N ARG A 566 -30.67 -27.97 3.38
CA ARG A 566 -31.49 -27.05 2.61
C ARG A 566 -31.42 -25.64 3.20
N ALA A 567 -30.66 -25.48 4.30
CA ALA A 567 -30.39 -24.16 4.85
C ALA A 567 -28.91 -24.01 5.22
N ASN A 568 -28.30 -22.89 4.84
CA ASN A 568 -26.90 -22.64 5.17
C ASN A 568 -26.64 -21.22 5.65
N TYR A 569 -25.96 -21.09 6.78
CA TYR A 569 -25.71 -19.76 7.37
C TYR A 569 -24.21 -19.44 7.52
N LEU A 570 -23.84 -18.21 7.15
CA LEU A 570 -22.49 -17.69 7.37
C LEU A 570 -22.43 -16.88 8.65
N ALA A 571 -21.41 -17.17 9.47
CA ALA A 571 -21.25 -16.53 10.78
C ALA A 571 -19.77 -16.37 11.17
N SER A 572 -19.54 -15.72 12.30
CA SER A 572 -18.21 -15.61 12.86
C SER A 572 -17.80 -16.95 13.51
N PRO A 573 -16.53 -17.33 13.39
CA PRO A 573 -16.06 -18.64 13.84
C PRO A 573 -16.53 -19.00 15.24
N PRO A 574 -16.39 -18.06 16.19
CA PRO A 574 -16.87 -18.34 17.54
C PRO A 574 -18.34 -18.75 17.49
N LEU A 575 -19.12 -17.98 16.75
CA LEU A 575 -20.54 -18.24 16.59
C LEU A 575 -20.76 -19.61 15.96
N VAL A 576 -19.92 -19.96 14.98
CA VAL A 576 -19.94 -21.30 14.39
C VAL A 576 -19.79 -22.33 15.50
N ILE A 577 -18.65 -22.31 16.17
CA ILE A 577 -18.41 -23.24 17.27
C ILE A 577 -19.62 -23.30 18.20
N ALA A 578 -20.17 -22.12 18.50
CA ALA A 578 -21.31 -22.02 19.43
C ALA A 578 -22.56 -22.74 18.90
N TYR A 579 -22.89 -22.52 17.63
CA TYR A 579 -24.04 -23.19 17.02
C TYR A 579 -23.80 -24.70 16.91
N ALA A 580 -22.58 -25.08 16.52
CA ALA A 580 -22.24 -26.49 16.48
C ALA A 580 -22.38 -27.11 17.88
N ILE A 581 -22.01 -26.36 18.91
CA ILE A 581 -22.17 -26.84 20.28
C ILE A 581 -23.65 -26.96 20.65
N ALA A 582 -24.41 -25.90 20.40
CA ALA A 582 -25.84 -25.87 20.72
C ALA A 582 -26.58 -26.98 20.00
N GLY A 583 -26.16 -27.27 18.77
CA GLY A 583 -26.77 -28.33 18.00
C GLY A 583 -27.74 -27.79 16.97
N THR A 584 -28.70 -26.99 17.43
CA THR A 584 -29.70 -26.41 16.53
C THR A 584 -29.61 -24.90 16.52
N ILE A 585 -29.74 -24.31 15.34
CA ILE A 585 -29.75 -22.85 15.22
C ILE A 585 -31.03 -22.27 15.82
N ARG A 586 -32.09 -23.07 15.82
CA ARG A 586 -33.33 -22.67 16.44
C ARG A 586 -33.15 -22.54 17.93
N ILE A 587 -32.74 -21.34 18.36
CA ILE A 587 -32.45 -21.08 19.76
C ILE A 587 -32.09 -19.62 19.96
N ASP A 588 -32.58 -19.05 21.06
CA ASP A 588 -32.19 -17.71 21.48
C ASP A 588 -31.22 -17.88 22.65
N PHE A 589 -29.94 -17.65 22.39
CA PHE A 589 -28.90 -17.88 23.39
C PHE A 589 -29.14 -17.10 24.68
N GLU A 590 -29.99 -16.08 24.60
CA GLU A 590 -30.24 -15.22 25.75
C GLU A 590 -31.20 -15.88 26.75
N LYS A 591 -32.14 -16.68 26.25
CA LYS A 591 -33.04 -17.42 27.11
C LYS A 591 -32.59 -18.89 27.27
N GLU A 592 -32.50 -19.61 26.15
CA GLU A 592 -32.10 -21.02 26.16
C GLU A 592 -30.59 -21.14 26.37
N PRO A 593 -30.17 -22.03 27.30
CA PRO A 593 -28.74 -22.27 27.51
C PRO A 593 -28.09 -23.02 26.36
N LEU A 594 -26.76 -22.98 26.30
CA LEU A 594 -26.02 -23.74 25.30
C LEU A 594 -26.05 -25.22 25.65
N GLY A 595 -25.97 -25.50 26.94
CA GLY A 595 -25.97 -26.86 27.43
C GLY A 595 -25.91 -26.98 28.94
N THR A 596 -26.18 -28.19 29.41
CA THR A 596 -26.04 -28.53 30.81
C THR A 596 -24.72 -29.26 31.00
N ASN A 597 -23.88 -28.69 31.86
CA ASN A 597 -22.63 -29.33 32.24
C ASN A 597 -22.77 -30.84 32.32
N ALA A 598 -21.65 -31.54 32.13
CA ALA A 598 -21.61 -32.97 32.40
C ALA A 598 -21.52 -33.17 33.92
N LYS A 599 -21.88 -32.12 34.64
CA LYS A 599 -21.85 -32.12 36.10
C LYS A 599 -23.04 -31.37 36.69
N GLY A 600 -24.00 -30.97 35.84
CA GLY A 600 -25.23 -30.36 36.31
C GLY A 600 -25.51 -28.95 35.83
N GLN A 601 -24.87 -27.97 36.46
CA GLN A 601 -25.18 -26.55 36.25
C GLN A 601 -25.38 -26.21 34.78
N GLN A 602 -26.15 -25.14 34.52
CA GLN A 602 -26.45 -24.70 33.17
C GLN A 602 -25.37 -23.75 32.65
N VAL A 603 -25.09 -23.82 31.35
CA VAL A 603 -24.13 -22.89 30.75
C VAL A 603 -24.68 -22.20 29.50
N PHE A 604 -24.69 -20.87 29.52
CA PHE A 604 -25.16 -20.07 28.41
C PHE A 604 -24.00 -19.57 27.55
N LEU A 605 -24.31 -19.15 26.33
CA LEU A 605 -23.27 -18.69 25.39
C LEU A 605 -22.45 -17.55 26.01
N ARG A 606 -23.13 -16.65 26.69
CA ARG A 606 -22.47 -15.50 27.30
C ARG A 606 -21.38 -15.97 28.26
N ASP A 607 -21.63 -17.08 28.95
CA ASP A 607 -20.71 -17.59 29.96
C ASP A 607 -19.34 -17.98 29.39
N ILE A 608 -19.33 -18.49 28.15
CA ILE A 608 -18.09 -18.95 27.54
C ILE A 608 -17.56 -18.00 26.47
N TRP A 609 -18.43 -17.17 25.89
CA TRP A 609 -17.96 -16.22 24.86
C TRP A 609 -16.88 -15.31 25.45
N PRO A 610 -15.72 -15.22 24.78
CA PRO A 610 -14.58 -14.45 25.29
C PRO A 610 -14.63 -12.99 24.88
N THR A 611 -14.29 -12.09 25.80
CA THR A 611 -14.36 -10.66 25.53
C THR A 611 -13.15 -10.13 24.77
N ARG A 612 -13.40 -9.15 23.92
CA ARG A 612 -12.36 -8.56 23.10
C ARG A 612 -11.18 -8.23 23.99
N GLU A 613 -11.50 -7.83 25.21
CA GLU A 613 -10.48 -7.53 26.22
C GLU A 613 -9.61 -8.75 26.48
N GLU A 614 -10.24 -9.89 26.73
CA GLU A 614 -9.51 -11.15 26.89
C GLU A 614 -8.68 -11.45 25.65
N ILE A 615 -9.35 -11.44 24.49
CA ILE A 615 -8.67 -11.79 23.23
C ILE A 615 -7.39 -10.95 23.05
N GLN A 616 -7.56 -9.63 23.16
CA GLN A 616 -6.42 -8.72 23.07
C GLN A 616 -5.39 -9.04 24.16
N ALA A 617 -5.86 -9.28 25.37
CA ALA A 617 -5.00 -9.64 26.48
C ALA A 617 -4.07 -10.76 26.07
N VAL A 618 -4.66 -11.88 25.65
CA VAL A 618 -3.84 -13.03 25.24
C VAL A 618 -2.94 -12.69 24.05
N GLU A 619 -3.54 -12.07 23.04
CA GLU A 619 -2.80 -11.66 21.84
C GLU A 619 -1.49 -10.96 22.20
N ARG A 620 -1.66 -10.01 23.13
CA ARG A 620 -0.58 -9.17 23.62
C ARG A 620 0.40 -9.98 24.45
N GLN A 621 -0.12 -10.73 25.41
CA GLN A 621 0.77 -11.47 26.31
C GLN A 621 1.59 -12.56 25.61
N TYR A 622 1.00 -13.31 24.68
CA TYR A 622 1.69 -14.47 24.11
C TYR A 622 1.96 -14.41 22.60
N VAL A 623 0.89 -14.14 21.85
CA VAL A 623 0.94 -14.16 20.41
C VAL A 623 2.05 -13.24 19.90
N ILE A 624 1.91 -11.94 20.16
CA ILE A 624 2.88 -10.98 19.62
C ILE A 624 4.34 -11.36 19.97
N PRO A 625 4.61 -11.56 21.28
CA PRO A 625 5.92 -12.03 21.75
C PRO A 625 6.41 -13.25 20.97
N GLY A 626 5.68 -14.36 20.98
CA GLY A 626 6.12 -15.54 20.25
C GLY A 626 6.45 -15.19 18.80
N MET A 627 5.46 -14.59 18.15
CA MET A 627 5.60 -14.22 16.75
C MET A 627 6.93 -13.50 16.52
N PHE A 628 7.11 -12.39 17.22
CA PHE A 628 8.29 -11.58 16.94
C PHE A 628 9.60 -12.22 17.39
N THR A 629 9.58 -12.96 18.50
CA THR A 629 10.71 -13.83 18.81
C THR A 629 11.09 -14.59 17.56
N GLU A 630 10.13 -15.34 17.03
CA GLU A 630 10.41 -16.13 15.84
C GLU A 630 10.93 -15.26 14.70
N VAL A 631 10.33 -14.09 14.51
CA VAL A 631 10.81 -13.17 13.47
C VAL A 631 12.29 -12.81 13.65
N TYR A 632 12.68 -12.47 14.87
CA TYR A 632 14.08 -12.14 15.17
C TYR A 632 14.95 -13.34 14.89
N GLN A 633 14.55 -14.50 15.41
CA GLN A 633 15.32 -15.73 15.13
C GLN A 633 15.53 -15.91 13.63
N LYS A 634 14.44 -15.88 12.87
CA LYS A 634 14.51 -16.05 11.42
C LYS A 634 15.40 -15.01 10.77
N ILE A 635 15.10 -13.73 10.98
CA ILE A 635 15.94 -12.65 10.48
C ILE A 635 17.41 -12.99 10.74
N GLU A 636 17.71 -13.31 12.00
CA GLU A 636 19.06 -13.70 12.38
C GLU A 636 19.59 -14.81 11.46
N THR A 637 18.92 -15.96 11.48
CA THR A 637 19.42 -17.13 10.76
C THR A 637 19.32 -17.02 9.24
N VAL A 638 18.91 -15.85 8.73
CA VAL A 638 18.75 -15.67 7.30
C VAL A 638 19.84 -14.79 6.71
N ASN A 639 20.33 -13.83 7.50
CA ASN A 639 21.39 -12.94 7.04
C ASN A 639 22.66 -13.70 6.70
N ALA A 640 22.90 -14.81 7.40
CA ALA A 640 24.06 -15.66 7.14
C ALA A 640 23.84 -16.50 5.90
N SER A 641 23.74 -15.85 4.75
CA SER A 641 23.45 -16.53 3.49
C SER A 641 23.84 -15.64 2.32
N SER A 649 32.23 -4.68 0.94
CA SER A 649 33.61 -4.90 0.52
C SER A 649 34.01 -3.94 -0.59
N ASP A 650 33.61 -4.26 -1.82
CA ASP A 650 33.84 -3.38 -2.96
C ASP A 650 32.84 -2.23 -2.96
N LYS A 651 33.35 -1.00 -2.97
CA LYS A 651 32.50 0.19 -2.83
C LYS A 651 32.21 0.83 -4.19
N LEU A 652 32.47 0.09 -5.26
CA LEU A 652 32.10 0.52 -6.59
C LEU A 652 31.66 -0.71 -7.38
N TYR A 653 30.63 -0.57 -8.19
CA TYR A 653 30.08 -1.74 -8.85
C TYR A 653 30.79 -2.10 -10.16
N LEU A 654 31.12 -3.38 -10.28
CA LEU A 654 31.77 -3.90 -11.48
C LEU A 654 30.75 -4.59 -12.39
N TRP A 655 30.43 -3.94 -13.50
CA TRP A 655 29.39 -4.41 -14.40
C TRP A 655 29.88 -5.57 -15.26
N ASN A 656 29.04 -6.59 -15.40
CA ASN A 656 29.36 -7.71 -16.27
C ASN A 656 28.68 -7.51 -17.63
N PRO A 657 29.49 -7.28 -18.68
CA PRO A 657 28.93 -7.12 -20.03
C PRO A 657 28.18 -8.37 -20.50
N LYS A 658 28.55 -9.54 -20.00
CA LYS A 658 27.81 -10.77 -20.28
C LYS A 658 26.44 -10.75 -19.61
N SER A 659 26.04 -9.58 -19.10
CA SER A 659 24.79 -9.43 -18.40
C SER A 659 23.68 -9.04 -19.36
N THR A 660 22.46 -9.43 -19.01
CA THR A 660 21.29 -9.07 -19.81
C THR A 660 20.30 -8.24 -18.98
N TYR A 661 20.45 -8.28 -17.65
CA TYR A 661 19.53 -7.61 -16.75
C TYR A 661 20.06 -6.29 -16.17
N ILE A 662 21.37 -6.22 -15.94
CA ILE A 662 21.97 -5.08 -15.26
C ILE A 662 23.08 -4.42 -16.08
N LYS A 663 22.81 -3.22 -16.60
CA LYS A 663 23.81 -2.48 -17.35
C LYS A 663 23.91 -1.03 -16.90
N SER A 664 25.10 -0.46 -17.02
CA SER A 664 25.33 0.94 -16.71
C SER A 664 24.71 1.82 -17.78
N PRO A 665 23.96 2.86 -17.37
CA PRO A 665 23.30 3.76 -18.32
C PRO A 665 24.27 4.75 -18.95
N PRO A 666 23.84 5.40 -20.05
CA PRO A 666 24.64 6.45 -20.69
C PRO A 666 24.63 7.71 -19.84
N PHE A 667 23.43 8.23 -19.61
CA PHE A 667 23.19 9.38 -18.73
C PHE A 667 24.36 10.35 -18.57
N PHE A 668 25.40 9.93 -17.87
CA PHE A 668 26.48 10.85 -17.52
C PHE A 668 27.75 10.68 -18.35
N GLU A 669 27.59 10.24 -19.61
CA GLU A 669 28.71 10.27 -20.53
C GLU A 669 29.05 11.73 -20.89
N ASN A 670 30.29 12.14 -20.69
CA ASN A 670 30.71 13.51 -21.00
C ASN A 670 30.16 14.50 -19.98
N LEU A 671 29.80 14.01 -18.80
CA LEU A 671 29.26 14.87 -17.75
C LEU A 671 30.36 15.79 -17.20
N THR A 672 30.28 17.07 -17.54
CA THR A 672 31.24 18.04 -17.05
C THR A 672 30.77 18.58 -15.70
N LEU A 673 31.69 19.07 -14.89
CA LEU A 673 31.31 19.61 -13.59
C LEU A 673 31.08 21.11 -13.66
N ASP A 674 31.12 21.66 -14.87
CA ASP A 674 30.71 23.04 -15.11
C ASP A 674 29.30 23.04 -15.70
N LEU A 675 28.54 24.09 -15.44
CA LEU A 675 27.14 24.14 -15.83
C LEU A 675 26.95 24.20 -17.35
N GLN A 676 25.76 23.80 -17.80
CA GLN A 676 25.44 23.77 -19.22
C GLN A 676 24.25 24.69 -19.52
N PRO A 677 24.53 25.98 -19.76
CA PRO A 677 23.51 27.02 -20.00
C PRO A 677 22.35 26.54 -20.88
N PRO A 678 21.22 27.25 -20.81
CA PRO A 678 20.01 26.92 -21.57
C PRO A 678 20.29 26.63 -23.04
N LYS A 679 20.12 25.37 -23.43
CA LYS A 679 20.44 24.92 -24.78
C LYS A 679 19.22 25.08 -25.68
N SER A 680 19.34 25.95 -26.69
CA SER A 680 18.22 26.22 -27.59
C SER A 680 18.01 25.08 -28.58
N ILE A 681 16.87 24.39 -28.47
CA ILE A 681 16.52 23.35 -29.42
C ILE A 681 16.19 24.00 -30.76
N VAL A 682 17.12 23.86 -31.70
CA VAL A 682 16.99 24.49 -33.02
C VAL A 682 16.55 23.50 -34.08
N ASP A 683 15.41 23.77 -34.69
CA ASP A 683 14.89 22.97 -35.80
C ASP A 683 14.99 21.47 -35.51
N ALA A 684 13.96 20.96 -34.85
CA ALA A 684 13.90 19.58 -34.42
C ALA A 684 12.73 18.90 -35.09
N TYR A 685 12.71 17.57 -35.03
CA TYR A 685 11.66 16.78 -35.67
C TYR A 685 10.64 16.26 -34.66
N VAL A 686 9.38 16.18 -35.08
CA VAL A 686 8.32 15.63 -34.26
C VAL A 686 8.33 14.11 -34.31
N LEU A 687 8.96 13.48 -33.33
CA LEU A 687 9.05 12.03 -33.32
C LEU A 687 7.65 11.42 -33.35
N LEU A 688 6.86 11.66 -32.32
CA LEU A 688 5.50 11.11 -32.26
C LEU A 688 4.43 12.19 -32.18
N ASN A 689 3.34 11.96 -32.90
CA ASN A 689 2.20 12.85 -32.92
C ASN A 689 0.98 12.14 -32.31
N LEU A 690 0.80 12.33 -31.01
CA LEU A 690 -0.15 11.52 -30.24
C LEU A 690 -1.41 12.30 -29.88
N GLY A 691 -2.46 11.57 -29.51
CA GLY A 691 -3.75 12.17 -29.23
C GLY A 691 -3.96 12.54 -27.78
N ASP A 692 -5.11 12.16 -27.22
CA ASP A 692 -5.46 12.51 -25.85
C ASP A 692 -5.33 11.32 -24.91
N SER A 693 -4.69 11.55 -23.76
CA SER A 693 -4.55 10.53 -22.73
C SER A 693 -3.60 9.41 -23.16
N VAL A 694 -2.40 9.78 -23.59
CA VAL A 694 -1.34 8.81 -23.81
C VAL A 694 -0.84 8.33 -22.45
N THR A 695 -0.95 7.03 -22.21
CA THR A 695 -0.70 6.51 -20.87
C THR A 695 0.76 6.12 -20.62
N THR A 696 1.10 6.04 -19.34
CA THR A 696 2.41 5.61 -18.90
C THR A 696 2.77 4.29 -19.55
N ASP A 697 1.80 3.38 -19.65
CA ASP A 697 2.05 2.07 -20.25
C ASP A 697 2.26 2.20 -21.76
N HIS A 698 1.65 3.22 -22.36
CA HIS A 698 1.90 3.53 -23.76
C HIS A 698 3.32 4.05 -23.92
N ILE A 699 3.74 4.92 -23.00
CA ILE A 699 5.06 5.54 -23.10
C ILE A 699 6.19 4.55 -22.80
N SER A 700 6.05 3.79 -21.73
CA SER A 700 6.98 2.72 -21.40
C SER A 700 6.17 1.54 -20.90
N PRO A 701 5.96 0.54 -21.76
CA PRO A 701 5.00 -0.52 -21.49
C PRO A 701 5.48 -1.58 -20.50
N ALA A 702 4.54 -2.41 -20.09
CA ALA A 702 4.82 -3.57 -19.25
C ALA A 702 4.35 -4.80 -20.00
N GLY A 703 4.56 -5.98 -19.41
CA GLY A 703 4.14 -7.22 -20.04
C GLY A 703 5.25 -7.81 -20.88
N ASN A 704 5.04 -9.03 -21.37
CA ASN A 704 6.04 -9.74 -22.13
C ASN A 704 6.40 -9.02 -23.43
N ILE A 705 7.53 -9.41 -24.01
CA ILE A 705 8.04 -8.77 -25.21
C ILE A 705 7.66 -9.56 -26.46
N ALA A 706 7.20 -8.86 -27.49
CA ALA A 706 6.83 -9.50 -28.75
C ALA A 706 8.07 -9.78 -29.58
N ARG A 707 7.95 -10.73 -30.52
CA ARG A 707 9.10 -11.15 -31.32
C ARG A 707 9.47 -10.13 -32.39
N ASN A 708 8.60 -9.15 -32.63
CA ASN A 708 8.80 -8.18 -33.69
C ASN A 708 9.27 -6.83 -33.15
N SER A 709 9.80 -6.83 -31.93
CA SER A 709 10.17 -5.59 -31.27
C SER A 709 11.68 -5.38 -31.23
N PRO A 710 12.11 -4.11 -31.34
CA PRO A 710 13.54 -3.75 -31.27
C PRO A 710 14.18 -4.38 -30.04
N ALA A 711 13.41 -4.47 -28.96
CA ALA A 711 13.86 -5.13 -27.75
C ALA A 711 14.19 -6.58 -28.06
N ALA A 712 13.19 -7.30 -28.54
CA ALA A 712 13.35 -8.71 -28.89
C ALA A 712 14.49 -8.91 -29.89
N ARG A 713 14.76 -7.87 -30.68
CA ARG A 713 15.83 -7.97 -31.69
C ARG A 713 17.21 -7.72 -31.09
N TYR A 714 17.30 -6.75 -30.19
CA TYR A 714 18.54 -6.53 -29.43
C TYR A 714 18.83 -7.74 -28.54
N LEU A 715 17.77 -8.39 -28.06
CA LEU A 715 17.91 -9.61 -27.28
C LEU A 715 18.35 -10.75 -28.21
N THR A 716 17.69 -10.84 -29.37
CA THR A 716 18.04 -11.83 -30.38
C THR A 716 19.51 -11.71 -30.79
N ASN A 717 19.99 -10.47 -30.88
CA ASN A 717 21.41 -10.21 -31.15
C ASN A 717 22.33 -10.98 -30.21
N ARG A 718 21.82 -11.31 -29.03
CA ARG A 718 22.63 -11.91 -27.97
C ARG A 718 22.20 -13.33 -27.67
N GLY A 719 22.10 -14.16 -28.71
CA GLY A 719 21.74 -15.56 -28.56
C GLY A 719 20.68 -15.79 -27.51
N LEU A 720 19.59 -15.02 -27.60
CA LEU A 720 18.48 -15.17 -26.66
C LEU A 720 17.23 -15.68 -27.35
N THR A 721 16.54 -16.61 -26.69
CA THR A 721 15.32 -17.19 -27.22
C THR A 721 14.10 -16.52 -26.60
N PRO A 722 13.02 -16.40 -27.36
CA PRO A 722 11.75 -15.83 -26.89
C PRO A 722 11.33 -16.39 -25.53
N ARG A 723 11.76 -17.62 -25.23
CA ARG A 723 11.50 -18.25 -23.95
C ARG A 723 12.24 -17.50 -22.83
N GLU A 724 13.54 -17.33 -23.00
CA GLU A 724 14.37 -16.63 -22.02
C GLU A 724 14.42 -15.12 -22.32
N PHE A 725 13.24 -14.55 -22.54
CA PHE A 725 13.12 -13.11 -22.82
C PHE A 725 12.71 -12.37 -21.56
N ASN A 726 11.78 -12.95 -20.81
CA ASN A 726 11.20 -12.29 -19.64
C ASN A 726 10.43 -11.05 -20.04
N SER A 727 10.00 -10.26 -19.06
CA SER A 727 9.17 -9.09 -19.31
C SER A 727 9.96 -7.80 -19.32
N TYR A 728 9.31 -6.72 -19.72
CA TYR A 728 9.95 -5.40 -19.73
C TYR A 728 10.29 -4.99 -18.31
N GLY A 729 9.51 -5.46 -17.35
CA GLY A 729 9.71 -5.11 -15.95
C GLY A 729 10.99 -5.69 -15.38
N SER A 730 11.26 -6.95 -15.70
CA SER A 730 12.45 -7.62 -15.19
C SER A 730 13.70 -7.13 -15.91
N ARG A 731 13.51 -6.22 -16.86
CA ARG A 731 14.63 -5.66 -17.60
C ARG A 731 14.80 -4.19 -17.24
N ARG A 732 14.16 -3.78 -16.14
CA ARG A 732 14.22 -2.38 -15.69
C ARG A 732 15.63 -1.94 -15.39
N GLY A 733 16.55 -2.89 -15.28
CA GLY A 733 17.94 -2.59 -15.03
C GLY A 733 18.73 -2.30 -16.29
N ASN A 734 18.09 -2.47 -17.45
CA ASN A 734 18.80 -2.30 -18.72
C ASN A 734 18.25 -1.15 -19.57
N ASP A 735 19.01 -0.05 -19.59
CA ASP A 735 18.66 1.12 -20.39
C ASP A 735 18.51 0.74 -21.86
N ALA A 736 19.25 -0.28 -22.28
CA ALA A 736 19.15 -0.78 -23.65
C ALA A 736 17.73 -1.28 -23.89
N ILE A 737 17.36 -2.36 -23.22
CA ILE A 737 16.04 -2.97 -23.37
C ILE A 737 14.93 -1.96 -23.12
N MET A 738 15.07 -1.19 -22.03
CA MET A 738 14.02 -0.25 -21.65
C MET A 738 13.87 0.87 -22.67
N ALA A 739 15.00 1.37 -23.16
CA ALA A 739 14.97 2.41 -24.17
C ALA A 739 14.45 1.86 -25.50
N ARG A 740 14.72 0.59 -25.75
CA ARG A 740 14.25 -0.06 -26.97
C ARG A 740 12.78 -0.40 -26.87
N GLY A 741 12.27 -0.51 -25.65
CA GLY A 741 10.87 -0.83 -25.42
C GLY A 741 9.99 0.39 -25.26
N THR A 742 10.58 1.57 -25.37
CA THR A 742 9.83 2.81 -25.19
C THR A 742 8.91 3.07 -26.38
N PHE A 743 7.64 3.29 -26.09
CA PHE A 743 6.63 3.52 -27.13
C PHE A 743 6.39 2.27 -27.97
N ALA A 744 6.91 1.12 -27.51
CA ALA A 744 6.76 -0.13 -28.24
C ALA A 744 5.48 -0.85 -27.83
N ASN A 745 4.43 -0.09 -27.55
CA ASN A 745 3.15 -0.65 -27.16
C ASN A 745 2.21 -0.79 -28.34
N ILE A 746 1.76 -2.02 -28.60
CA ILE A 746 0.95 -2.32 -29.77
C ILE A 746 -0.26 -1.40 -29.92
N ARG A 747 -0.80 -0.94 -28.80
CA ARG A 747 -2.01 -0.14 -28.82
C ARG A 747 -1.72 1.35 -28.98
N LEU A 748 -0.48 1.66 -29.35
CA LEU A 748 -0.04 3.05 -29.51
C LEU A 748 -0.67 3.68 -30.75
N LEU A 749 -1.29 4.84 -30.57
CA LEU A 749 -1.99 5.52 -31.65
C LEU A 749 -1.23 6.77 -32.13
N ASN A 750 -0.45 6.60 -33.19
CA ASN A 750 0.31 7.68 -33.79
C ASN A 750 -0.48 8.29 -34.94
N ARG A 751 -0.77 9.58 -34.84
CA ARG A 751 -1.56 10.28 -35.85
C ARG A 751 -0.84 10.32 -37.20
N PHE A 752 0.48 10.12 -37.17
CA PHE A 752 1.27 9.97 -38.39
C PHE A 752 0.86 8.72 -39.17
N LEU A 753 0.26 7.76 -38.47
CA LEU A 753 -0.09 6.48 -39.09
C LEU A 753 -1.57 6.19 -39.03
N ASN A 754 -2.33 7.03 -38.32
CA ASN A 754 -3.75 6.82 -38.13
C ASN A 754 -4.14 5.35 -37.93
N LYS A 755 -3.42 4.67 -37.04
CA LYS A 755 -3.71 3.29 -36.69
C LYS A 755 -2.96 2.92 -35.42
N GLN A 756 -3.33 1.81 -34.81
CA GLN A 756 -2.66 1.34 -33.60
C GLN A 756 -1.39 0.58 -33.93
N ALA A 757 -0.26 1.27 -33.93
CA ALA A 757 1.01 0.66 -34.27
C ALA A 757 2.18 1.32 -33.53
N PRO A 758 3.07 0.51 -32.93
CA PRO A 758 4.27 1.01 -32.25
C PRO A 758 5.35 1.51 -33.21
N GLN A 759 4.99 2.36 -34.14
CA GLN A 759 5.93 2.85 -35.15
C GLN A 759 5.74 4.33 -35.43
N THR A 760 6.69 4.90 -36.16
CA THR A 760 6.59 6.27 -36.60
C THR A 760 7.18 6.42 -38.00
N ILE A 761 7.03 7.61 -38.57
CA ILE A 761 7.55 7.90 -39.90
C ILE A 761 8.84 8.70 -39.80
N HIS A 762 9.94 8.09 -40.23
CA HIS A 762 11.23 8.79 -40.26
C HIS A 762 11.23 9.82 -41.39
N LEU A 763 10.66 10.99 -41.12
CA LEU A 763 10.39 11.98 -42.16
C LEU A 763 11.42 12.01 -43.30
N PRO A 764 12.71 12.27 -42.98
CA PRO A 764 13.73 12.18 -44.05
C PRO A 764 13.90 10.75 -44.55
N SER A 765 12.98 10.28 -45.38
CA SER A 765 12.91 8.88 -45.80
C SER A 765 11.47 8.51 -46.13
N GLY A 766 10.55 8.87 -45.25
CA GLY A 766 9.16 8.51 -45.41
C GLY A 766 8.90 7.10 -44.94
N GLU A 767 9.95 6.46 -44.43
CA GLU A 767 9.86 5.08 -43.98
C GLU A 767 9.17 5.01 -42.63
N THR A 768 8.17 4.14 -42.54
CA THR A 768 7.42 3.94 -41.31
C THR A 768 8.01 2.72 -40.59
N LEU A 769 8.65 2.97 -39.45
CA LEU A 769 9.30 1.88 -38.71
C LEU A 769 9.23 2.09 -37.21
N ASP A 770 9.69 1.08 -36.48
CA ASP A 770 9.60 1.09 -35.02
C ASP A 770 10.19 2.37 -34.45
N VAL A 771 9.56 2.87 -33.39
CA VAL A 771 9.92 4.15 -32.79
C VAL A 771 11.37 4.16 -32.35
N PHE A 772 11.82 3.09 -31.72
CA PHE A 772 13.19 3.02 -31.24
C PHE A 772 14.18 3.18 -32.39
N ASP A 773 13.91 2.52 -33.51
CA ASP A 773 14.81 2.55 -34.66
C ASP A 773 14.73 3.88 -35.38
N ALA A 774 13.51 4.39 -35.52
CA ALA A 774 13.30 5.73 -36.08
C ALA A 774 14.13 6.73 -35.29
N ALA A 775 13.89 6.77 -33.98
CA ALA A 775 14.62 7.68 -33.11
C ALA A 775 16.11 7.35 -33.13
N GLU A 776 16.43 6.09 -33.41
CA GLU A 776 17.81 5.64 -33.45
C GLU A 776 18.56 6.27 -34.62
N ARG A 777 18.02 6.10 -35.83
CA ARG A 777 18.63 6.73 -37.00
C ARG A 777 18.51 8.25 -36.91
N TYR A 778 17.42 8.73 -36.32
CA TYR A 778 17.26 10.15 -36.05
C TYR A 778 18.43 10.69 -35.25
N GLN A 779 18.69 10.05 -34.11
CA GLN A 779 19.72 10.49 -33.18
C GLN A 779 21.11 10.18 -33.72
N GLN A 780 21.21 9.18 -34.59
CA GLN A 780 22.47 8.88 -35.25
C GLN A 780 22.79 10.00 -36.23
N GLU A 781 21.82 10.34 -37.06
CA GLU A 781 21.93 11.48 -37.96
C GLU A 781 22.13 12.76 -37.15
N GLY A 782 21.69 12.73 -35.90
CA GLY A 782 21.90 13.84 -34.99
C GLY A 782 20.78 14.86 -35.05
N HIS A 783 19.54 14.37 -35.05
CA HIS A 783 18.38 15.25 -35.11
C HIS A 783 17.70 15.40 -33.75
N PRO A 784 17.60 16.65 -33.26
CA PRO A 784 16.80 16.90 -32.06
C PRO A 784 15.36 16.46 -32.29
N LEU A 785 14.77 15.82 -31.28
CA LEU A 785 13.43 15.28 -31.40
C LEU A 785 12.50 15.82 -30.32
N ILE A 786 11.29 16.19 -30.74
CA ILE A 786 10.26 16.60 -29.80
C ILE A 786 9.04 15.72 -29.99
N VAL A 787 8.11 15.75 -29.03
CA VAL A 787 6.91 14.93 -29.15
C VAL A 787 5.64 15.77 -29.00
N LEU A 788 4.65 15.50 -29.85
CA LEU A 788 3.38 16.21 -29.76
C LEU A 788 2.32 15.33 -29.08
N ALA A 789 1.57 15.92 -28.15
CA ALA A 789 0.49 15.20 -27.48
C ALA A 789 -0.70 16.11 -27.22
N GLY A 790 -1.74 15.55 -26.62
CA GLY A 790 -2.98 16.28 -26.39
C GLY A 790 -3.26 16.51 -24.92
N LYS A 791 -4.31 15.86 -24.42
CA LYS A 791 -4.75 16.08 -23.04
C LYS A 791 -4.21 14.99 -22.12
N GLU A 792 -4.19 15.30 -20.82
CA GLU A 792 -3.71 14.36 -19.79
C GLU A 792 -2.65 13.40 -20.32
N TYR A 793 -1.60 13.96 -20.90
CA TYR A 793 -0.46 13.17 -21.33
C TYR A 793 0.27 12.62 -20.11
N GLY A 794 0.53 11.31 -20.13
CA GLY A 794 1.31 10.68 -19.08
C GLY A 794 0.51 10.02 -17.97
N SER A 795 -0.80 10.02 -18.08
CA SER A 795 -1.67 9.43 -17.06
C SER A 795 -1.51 7.91 -17.02
N GLY A 796 -1.67 7.33 -15.83
CA GLY A 796 -1.58 5.88 -15.68
C GLY A 796 -0.75 5.41 -14.51
N SER A 797 -0.57 4.09 -14.42
CA SER A 797 0.19 3.47 -13.34
C SER A 797 1.68 3.84 -13.40
N SER A 798 2.45 3.40 -12.40
CA SER A 798 3.87 3.73 -12.32
C SER A 798 4.71 2.95 -13.33
N ARG A 799 5.44 3.68 -14.17
CA ARG A 799 6.38 3.09 -15.11
C ARG A 799 7.73 3.80 -14.99
N ASP A 800 8.64 3.16 -14.24
CA ASP A 800 9.93 3.77 -13.91
C ASP A 800 10.60 4.49 -15.08
N TRP A 801 10.40 3.99 -16.29
CA TRP A 801 11.15 4.48 -17.44
C TRP A 801 10.38 5.48 -18.32
N ALA A 802 9.20 5.89 -17.85
CA ALA A 802 8.36 6.80 -18.61
C ALA A 802 9.05 8.14 -18.93
N ALA A 803 10.23 8.36 -18.36
CA ALA A 803 11.02 9.57 -18.67
C ALA A 803 12.41 9.18 -19.17
N LYS A 804 13.07 8.31 -18.41
CA LYS A 804 14.36 7.77 -18.83
C LYS A 804 14.31 7.34 -20.29
N GLY A 805 13.26 6.60 -20.66
CA GLY A 805 13.11 6.14 -22.03
C GLY A 805 13.16 7.28 -23.05
N PRO A 806 12.11 8.11 -23.08
CA PRO A 806 12.04 9.29 -23.94
C PRO A 806 13.31 10.14 -23.90
N PHE A 807 13.99 10.13 -22.75
CA PHE A 807 15.27 10.81 -22.64
C PHE A 807 16.33 10.11 -23.50
N LEU A 808 16.46 8.80 -23.31
CA LEU A 808 17.44 8.01 -24.07
C LEU A 808 17.13 8.01 -25.57
N LEU A 809 15.85 8.02 -25.93
CA LEU A 809 15.45 8.05 -27.33
C LEU A 809 16.04 9.29 -28.00
N GLY A 810 15.97 10.40 -27.28
CA GLY A 810 16.48 11.66 -27.80
C GLY A 810 15.43 12.75 -27.72
N ILE A 811 14.32 12.47 -27.06
CA ILE A 811 13.27 13.48 -26.94
C ILE A 811 13.75 14.59 -26.01
N LYS A 812 13.87 15.79 -26.54
CA LYS A 812 14.33 16.94 -25.76
C LYS A 812 13.14 17.69 -25.15
N ALA A 813 12.00 17.60 -25.83
CA ALA A 813 10.79 18.29 -25.36
C ALA A 813 9.51 17.54 -25.74
N VAL A 814 8.57 17.54 -24.80
CA VAL A 814 7.21 17.11 -25.09
C VAL A 814 6.34 18.36 -25.12
N LEU A 815 5.29 18.33 -25.92
CA LEU A 815 4.40 19.46 -26.05
C LEU A 815 2.95 18.99 -26.02
N ALA A 816 2.22 19.42 -24.99
CA ALA A 816 0.84 18.97 -24.84
C ALA A 816 -0.11 20.10 -24.47
N GLU A 817 -1.39 19.79 -24.42
CA GLU A 817 -2.38 20.73 -23.94
C GLU A 817 -2.48 20.58 -22.43
N SER A 818 -2.25 19.36 -21.96
CA SER A 818 -2.53 18.99 -20.59
C SER A 818 -1.63 17.83 -20.18
N TYR A 819 -0.83 18.05 -19.13
CA TYR A 819 0.07 17.02 -18.61
C TYR A 819 -0.50 16.30 -17.40
N GLU A 820 0.08 15.16 -17.07
CA GLU A 820 -0.20 14.51 -15.79
C GLU A 820 0.87 14.88 -14.75
N ARG A 821 0.39 15.28 -13.58
CA ARG A 821 1.23 15.78 -12.48
C ARG A 821 2.55 15.05 -12.35
N ILE A 822 2.49 13.84 -11.80
CA ILE A 822 3.69 13.05 -11.56
C ILE A 822 4.59 13.00 -12.80
N HIS A 823 3.97 12.74 -13.95
CA HIS A 823 4.73 12.56 -15.16
C HIS A 823 5.52 13.82 -15.51
N ARG A 824 4.86 14.97 -15.47
CA ARG A 824 5.57 16.23 -15.75
C ARG A 824 6.83 16.32 -14.88
N SER A 825 6.62 16.19 -13.57
CA SER A 825 7.70 16.22 -12.60
C SER A 825 8.79 15.23 -13.00
N ASN A 826 8.40 14.04 -13.43
CA ASN A 826 9.39 13.05 -13.85
C ASN A 826 10.19 13.50 -15.08
N LEU A 827 9.48 13.99 -16.09
CA LEU A 827 10.12 14.56 -17.28
C LEU A 827 11.13 15.61 -16.86
N VAL A 828 10.67 16.59 -16.08
CA VAL A 828 11.57 17.63 -15.60
C VAL A 828 12.74 16.99 -14.86
N GLY A 829 12.45 15.90 -14.16
CA GLY A 829 13.48 15.15 -13.46
C GLY A 829 14.56 14.67 -14.40
N MET A 830 14.15 14.00 -15.49
CA MET A 830 15.13 13.52 -16.46
C MET A 830 15.73 14.64 -17.29
N GLY A 831 15.11 15.81 -17.24
CA GLY A 831 15.66 16.98 -17.91
C GLY A 831 15.06 17.22 -19.27
N VAL A 832 13.96 16.52 -19.55
CA VAL A 832 13.18 16.77 -20.74
C VAL A 832 12.30 18.00 -20.53
N ILE A 833 12.13 18.80 -21.57
CA ILE A 833 11.31 20.00 -21.46
C ILE A 833 9.83 19.69 -21.64
N PRO A 834 9.01 20.04 -20.62
CA PRO A 834 7.56 19.92 -20.72
C PRO A 834 6.93 21.23 -21.17
N LEU A 835 6.39 21.22 -22.39
CA LEU A 835 5.76 22.41 -22.96
C LEU A 835 4.25 22.25 -23.04
N GLU A 836 3.56 23.34 -22.71
CA GLU A 836 2.10 23.31 -22.62
C GLU A 836 1.49 24.41 -23.50
N TYR A 837 0.58 24.03 -24.40
CA TYR A 837 -0.08 25.02 -25.25
C TYR A 837 -0.75 26.08 -24.37
N LEU A 838 -1.05 27.23 -24.96
CA LEU A 838 -1.78 28.28 -24.25
C LEU A 838 -3.23 27.86 -24.10
N PRO A 839 -3.92 28.44 -23.10
CA PRO A 839 -5.33 28.10 -22.89
C PRO A 839 -6.17 28.32 -24.14
N GLY A 840 -6.60 27.24 -24.77
CA GLY A 840 -7.47 27.33 -25.93
C GLY A 840 -6.75 27.09 -27.26
N GLU A 841 -5.58 26.46 -27.20
CA GLU A 841 -4.82 26.15 -28.40
C GLU A 841 -4.46 24.68 -28.44
N ASN A 842 -4.15 24.17 -29.63
CA ASN A 842 -3.67 22.80 -29.78
C ASN A 842 -3.26 22.46 -31.21
N ALA A 843 -2.83 21.21 -31.39
CA ALA A 843 -2.37 20.69 -32.66
C ALA A 843 -3.19 21.22 -33.84
N ASP A 844 -4.48 20.90 -33.84
CA ASP A 844 -5.36 21.27 -34.93
C ASP A 844 -5.68 22.76 -34.91
N SER A 845 -5.91 23.28 -33.70
CA SER A 845 -6.26 24.69 -33.54
C SER A 845 -5.20 25.61 -34.12
N LEU A 846 -3.94 25.17 -34.11
CA LEU A 846 -2.87 25.98 -34.70
C LEU A 846 -2.48 25.44 -36.07
N GLY A 847 -3.11 24.33 -36.47
CA GLY A 847 -2.86 23.75 -37.77
C GLY A 847 -1.52 23.08 -37.92
N LEU A 848 -0.94 22.64 -36.80
CA LEU A 848 0.35 21.95 -36.83
C LEU A 848 0.17 20.58 -37.48
N THR A 849 1.15 20.18 -38.28
CA THR A 849 1.06 18.94 -39.05
C THR A 849 2.06 17.90 -38.57
N GLY A 850 3.02 18.32 -37.78
CA GLY A 850 4.07 17.43 -37.30
C GLY A 850 5.15 17.19 -38.34
N ARG A 851 4.98 17.77 -39.52
CA ARG A 851 5.91 17.54 -40.62
C ARG A 851 6.90 18.70 -40.74
N GLU A 852 6.89 19.59 -39.74
CA GLU A 852 7.71 20.79 -39.77
C GLU A 852 8.96 20.63 -38.89
N ARG A 853 9.95 21.48 -39.13
CA ARG A 853 11.14 21.53 -38.29
C ARG A 853 10.98 22.64 -37.24
N TYR A 854 11.18 22.28 -35.97
CA TYR A 854 10.77 23.13 -34.86
C TYR A 854 11.90 23.83 -34.10
N THR A 855 11.79 25.15 -33.97
CA THR A 855 12.74 25.95 -33.20
C THR A 855 12.12 26.43 -31.89
N ILE A 856 12.69 26.01 -30.78
CA ILE A 856 12.21 26.42 -29.46
C ILE A 856 13.18 27.40 -28.83
N ILE A 857 12.83 28.69 -28.85
CA ILE A 857 13.78 29.71 -28.40
C ILE A 857 13.83 29.77 -26.88
N ILE A 858 14.98 29.40 -26.32
CA ILE A 858 15.15 29.35 -24.86
C ILE A 858 16.02 30.50 -24.34
N PRO A 859 15.41 31.46 -23.62
CA PRO A 859 16.09 32.63 -23.06
C PRO A 859 17.19 32.30 -22.06
N GLU A 860 17.98 33.30 -21.71
CA GLU A 860 19.11 33.12 -20.80
C GLU A 860 18.65 33.15 -19.34
N ASN A 861 17.90 34.18 -18.98
CA ASN A 861 17.40 34.31 -17.62
C ASN A 861 15.99 33.72 -17.48
N LEU A 862 15.78 32.59 -18.15
CA LEU A 862 14.52 31.86 -18.09
C LEU A 862 13.94 31.85 -16.67
N THR A 863 12.64 32.12 -16.56
CA THR A 863 11.94 32.03 -15.28
C THR A 863 10.78 31.04 -15.38
N PRO A 864 10.32 30.51 -14.23
CA PRO A 864 9.32 29.44 -14.19
C PRO A 864 7.99 29.78 -14.87
N ARG A 865 7.36 28.75 -15.45
CA ARG A 865 6.02 28.88 -16.04
C ARG A 865 5.95 29.95 -17.12
N MET A 866 7.11 30.35 -17.63
CA MET A 866 7.18 31.44 -18.59
C MET A 866 6.73 31.01 -19.97
N HIS A 867 6.25 31.99 -20.74
CA HIS A 867 5.90 31.77 -22.14
C HIS A 867 7.16 31.90 -22.98
N VAL A 868 7.45 30.90 -23.78
CA VAL A 868 8.59 30.91 -24.68
C VAL A 868 8.13 30.69 -26.12
N GLN A 869 8.96 31.09 -27.07
CA GLN A 869 8.56 31.08 -28.47
C GLN A 869 8.95 29.80 -29.19
N VAL A 870 7.98 29.26 -29.91
CA VAL A 870 8.19 28.18 -30.85
C VAL A 870 8.00 28.74 -32.24
N LYS A 871 8.98 28.53 -33.12
CA LYS A 871 8.83 28.96 -34.51
C LYS A 871 9.19 27.81 -35.45
N LEU A 872 8.54 27.77 -36.61
CA LEU A 872 8.70 26.66 -37.53
C LEU A 872 9.65 26.99 -38.67
N ASP A 873 10.17 25.94 -39.31
CA ASP A 873 10.89 26.11 -40.57
C ASP A 873 10.01 26.89 -41.55
N THR A 874 8.69 26.82 -41.36
CA THR A 874 7.75 27.48 -42.25
C THR A 874 7.49 28.93 -41.81
N GLY A 875 8.27 29.42 -40.85
CA GLY A 875 8.12 30.79 -40.37
C GLY A 875 6.93 30.97 -39.44
N LYS A 876 6.13 29.92 -39.29
CA LYS A 876 4.96 29.96 -38.42
C LYS A 876 5.41 30.00 -36.96
N THR A 877 5.07 31.08 -36.27
CA THR A 877 5.52 31.27 -34.89
C THR A 877 4.36 31.28 -33.91
N PHE A 878 4.62 30.87 -32.68
CA PHE A 878 3.61 30.94 -31.62
C PHE A 878 4.23 30.75 -30.23
N GLN A 879 3.44 31.02 -29.20
CA GLN A 879 3.91 30.97 -27.82
C GLN A 879 3.56 29.63 -27.18
N ALA A 880 4.40 29.18 -26.24
CA ALA A 880 4.09 27.99 -25.45
C ALA A 880 4.52 28.19 -24.00
N VAL A 881 3.83 27.53 -23.08
CA VAL A 881 4.18 27.60 -21.67
C VAL A 881 5.28 26.60 -21.35
N ILE A 882 6.41 27.10 -20.87
CA ILE A 882 7.50 26.24 -20.43
C ILE A 882 7.22 25.80 -19.00
N ARG A 883 7.04 24.50 -18.80
CA ARG A 883 6.50 24.02 -17.53
C ARG A 883 7.56 23.67 -16.49
N PHE A 884 8.47 24.60 -16.24
CA PHE A 884 9.34 24.54 -15.08
C PHE A 884 8.71 25.43 -14.03
N ASP A 885 8.16 24.83 -12.99
CA ASP A 885 7.26 25.52 -12.09
C ASP A 885 7.98 26.21 -10.93
N THR A 886 9.25 25.86 -10.70
CA THR A 886 10.01 26.46 -9.62
C THR A 886 11.50 26.56 -9.92
N ASP A 887 12.19 27.38 -9.14
CA ASP A 887 13.63 27.55 -9.26
C ASP A 887 14.35 26.20 -9.11
N VAL A 888 13.79 25.32 -8.29
CA VAL A 888 14.34 23.98 -8.14
C VAL A 888 14.33 23.25 -9.48
N GLU A 889 13.19 23.31 -10.16
CA GLU A 889 13.04 22.67 -11.46
C GLU A 889 13.88 23.38 -12.53
N LEU A 890 13.98 24.71 -12.43
CA LEU A 890 14.87 25.43 -13.33
C LEU A 890 16.31 24.97 -13.13
N THR A 891 16.71 24.77 -11.87
CA THR A 891 18.00 24.20 -11.56
C THR A 891 18.13 22.82 -12.19
N TYR A 892 17.26 21.90 -11.81
CA TYR A 892 17.26 20.57 -12.38
C TYR A 892 17.39 20.64 -13.90
N PHE A 893 16.76 21.65 -14.49
CA PHE A 893 16.82 21.83 -15.93
C PHE A 893 18.23 22.23 -16.36
N HIS A 894 18.75 23.30 -15.75
CA HIS A 894 20.07 23.81 -16.11
C HIS A 894 21.17 22.78 -15.90
N ASN A 895 21.02 21.92 -14.88
CA ASN A 895 21.96 20.83 -14.69
C ASN A 895 21.63 19.67 -15.63
N GLY A 896 20.37 19.60 -16.05
CA GLY A 896 19.94 18.61 -17.02
C GLY A 896 19.63 17.26 -16.38
N GLY A 897 19.06 17.28 -15.18
CA GLY A 897 18.71 16.06 -14.48
C GLY A 897 19.00 16.17 -13.00
N ILE A 898 18.03 15.78 -12.18
CA ILE A 898 18.22 15.77 -10.74
C ILE A 898 19.45 14.93 -10.42
N LEU A 899 19.63 13.85 -11.18
CA LEU A 899 20.81 13.01 -11.05
C LEU A 899 22.07 13.86 -11.24
N ASN A 900 22.15 14.53 -12.38
CA ASN A 900 23.28 15.41 -12.67
C ASN A 900 23.50 16.40 -11.52
N TYR A 901 22.44 17.10 -11.15
CA TYR A 901 22.50 18.06 -10.05
C TYR A 901 23.08 17.44 -8.79
N MET A 902 22.59 16.27 -8.41
CA MET A 902 23.08 15.58 -7.22
C MET A 902 24.55 15.21 -7.36
N ILE A 903 24.90 14.67 -8.53
CA ILE A 903 26.29 14.35 -8.83
C ILE A 903 27.18 15.57 -8.62
N ARG A 904 26.88 16.64 -9.36
CA ARG A 904 27.62 17.88 -9.23
C ARG A 904 27.66 18.35 -7.78
N LYS A 905 26.53 18.23 -7.08
CA LYS A 905 26.44 18.69 -5.71
C LYS A 905 27.37 17.88 -4.80
N MET A 906 27.49 16.59 -5.06
CA MET A 906 28.34 15.73 -4.23
C MET A 906 29.81 15.79 -4.62
N ALA A 907 30.10 16.01 -5.89
CA ALA A 907 31.48 16.13 -6.35
C ALA A 907 31.99 17.56 -6.19
N LYS A 908 32.10 18.01 -4.95
CA LYS A 908 32.56 19.36 -4.65
C LYS A 908 33.26 19.41 -3.30
#